data_2Z49
#
_entry.id   2Z49
#
_cell.length_a   53.287
_cell.length_b   65.451
_cell.length_c   126.993
_cell.angle_alpha   90.00
_cell.angle_beta   97.07
_cell.angle_gamma   90.00
#
_symmetry.space_group_name_H-M   'P 1 21 1'
#
loop_
_entity.id
_entity.type
_entity.pdbx_description
1 polymer 'Hemolytic lectin CEL-III'
2 non-polymer 'methyl alpha-D-galactopyranoside'
3 non-polymer 'CALCIUM ION'
4 non-polymer 'MAGNESIUM ION'
5 water water
#
_entity_poly.entity_id   1
_entity_poly.type   'polypeptide(L)'
_entity_poly.pdbx_seq_one_letter_code
;(PCA)VLCTNPLDIGELRSFKSKQCVDIVGNQGSGNIATYDCDGLSDQQIIICGDGTIRNEARNYCFTPDGSGNANVMSS
PCTLYPEIPSSQRWRQGRRKTFTDNGGIEQVATEIINLASGKCLDIEGSDGTGDIGVYDCQNLDDQYFYVRSRGPELFYG
RLRNEKSDLCLDVEGSDGKGNVLMYSCEDNLDQWFRYYENGEIVNAKSGMCLDVEGSDGSGNVGIYRCDDLRDQMWSRPN
AYCNGDYCSFLNKESNKCLDVSGDQGTGDVGTWQCDGLPDQRFKWVFDDWEVPTATWNMVGCDQNGKVSQQISNTISFSS
TVTAGVAVEVSSTIEKGVIFAKATVSVKVTASLSKAWTNSQSGTTAITYTCDNYDSDEEFTRGCMWQLAIETTEVKSGDL
LVWNPQIVKCTRSNTAPGCAPFTKCANEDCTFCTDI
;
_entity_poly.pdbx_strand_id   A,B
#
# COMPACT_ATOMS: atom_id res chain seq x y z
N VAL A 2 -20.62 -4.96 19.31
CA VAL A 2 -21.42 -5.47 18.20
C VAL A 2 -21.76 -4.35 17.22
N LEU A 3 -21.16 -4.41 16.03
CA LEU A 3 -21.49 -3.48 14.94
C LEU A 3 -22.98 -3.59 14.53
N CYS A 4 -23.43 -2.68 13.69
CA CYS A 4 -24.76 -2.77 13.12
C CYS A 4 -24.77 -3.84 11.99
N THR A 5 -25.46 -4.94 12.22
CA THR A 5 -25.54 -6.07 11.27
C THR A 5 -26.72 -5.95 10.27
N ASN A 6 -27.66 -5.06 10.55
CA ASN A 6 -28.77 -4.81 9.62
C ASN A 6 -28.86 -3.34 9.22
N PRO A 7 -27.80 -2.82 8.56
CA PRO A 7 -27.86 -1.43 8.16
C PRO A 7 -28.88 -1.20 7.03
N LEU A 8 -29.41 0.02 6.98
CA LEU A 8 -30.34 0.42 5.95
C LEU A 8 -29.75 1.38 4.92
N ASP A 9 -28.73 2.12 5.31
CA ASP A 9 -28.13 3.13 4.41
C ASP A 9 -26.80 3.56 5.02
N ILE A 10 -25.79 3.84 4.19
CA ILE A 10 -24.49 4.36 4.63
C ILE A 10 -24.08 5.53 3.71
N GLY A 11 -23.78 6.69 4.27
CA GLY A 11 -23.32 7.81 3.47
C GLY A 11 -23.36 9.07 4.30
N GLU A 12 -23.11 10.22 3.65
CA GLU A 12 -23.15 11.50 4.34
C GLU A 12 -24.59 11.77 4.75
N LEU A 13 -24.79 12.23 5.98
CA LEU A 13 -26.11 12.63 6.43
C LEU A 13 -26.13 14.14 6.37
N ARG A 14 -26.99 14.71 5.53
CA ARG A 14 -26.92 16.13 5.25
C ARG A 14 -28.15 16.91 5.70
N SER A 15 -27.95 18.16 6.09
CA SER A 15 -29.06 19.05 6.39
C SER A 15 -29.82 19.44 5.11
N PHE A 16 -31.12 19.18 5.07
CA PHE A 16 -31.97 19.67 3.99
C PHE A 16 -31.83 21.21 3.81
N LYS A 17 -31.72 21.93 4.93
CA LYS A 17 -31.61 23.42 4.91
C LYS A 17 -30.30 23.95 4.27
N SER A 18 -29.16 23.58 4.83
CA SER A 18 -27.85 24.18 4.43
C SER A 18 -27.07 23.30 3.46
N LYS A 19 -27.46 22.02 3.40
CA LYS A 19 -26.74 20.93 2.69
C LYS A 19 -25.40 20.56 3.32
N GLN A 20 -25.10 21.12 4.51
CA GLN A 20 -23.89 20.74 5.25
C GLN A 20 -24.00 19.32 5.80
N CYS A 21 -22.85 18.70 6.07
CA CYS A 21 -22.81 17.37 6.64
C CYS A 21 -23.06 17.39 8.13
N VAL A 22 -23.74 16.35 8.62
CA VAL A 22 -23.80 16.11 10.07
C VAL A 22 -22.44 15.53 10.48
N ASP A 23 -21.74 16.25 11.35
CA ASP A 23 -20.34 15.97 11.60
C ASP A 23 -20.07 15.69 13.07
N ILE A 24 -19.36 14.60 13.33
CA ILE A 24 -18.76 14.34 14.61
C ILE A 24 -17.39 15.03 14.64
N VAL A 25 -17.10 15.68 15.76
CA VAL A 25 -15.86 16.46 15.88
C VAL A 25 -14.61 15.55 15.76
N GLY A 26 -13.59 16.04 15.06
CA GLY A 26 -12.40 15.25 14.76
C GLY A 26 -12.66 14.21 13.67
N ASN A 27 -11.94 13.10 13.72
CA ASN A 27 -12.10 12.00 12.76
C ASN A 27 -12.24 10.61 13.38
N GLN A 28 -12.34 10.52 14.71
CA GLN A 28 -12.38 9.22 15.39
C GLN A 28 -13.79 8.67 15.57
N GLY A 29 -14.81 9.48 15.29
CA GLY A 29 -16.19 9.01 15.42
C GLY A 29 -16.81 9.12 16.81
N SER A 30 -16.20 9.89 17.70
CA SER A 30 -16.75 10.19 19.01
C SER A 30 -16.71 11.68 19.32
N GLY A 31 -17.64 12.15 20.15
CA GLY A 31 -17.69 13.57 20.50
C GLY A 31 -18.92 14.31 19.98
N ASN A 32 -18.92 15.62 20.12
CA ASN A 32 -20.05 16.41 19.74
C ASN A 32 -20.42 16.31 18.25
N ILE A 33 -21.72 16.38 17.99
CA ILE A 33 -22.26 16.41 16.61
C ILE A 33 -22.81 17.81 16.31
N ALA A 34 -22.48 18.32 15.12
CA ALA A 34 -22.81 19.66 14.70
C ALA A 34 -22.69 19.64 13.17
N THR A 35 -23.17 20.67 12.49
CA THR A 35 -22.93 20.75 11.04
C THR A 35 -21.45 21.12 10.73
N TYR A 36 -20.95 20.69 9.57
CA TYR A 36 -19.62 21.06 9.11
C TYR A 36 -19.59 20.83 7.61
N ASP A 37 -18.58 21.41 6.94
CA ASP A 37 -18.25 21.06 5.56
C ASP A 37 -18.10 19.56 5.44
N CYS A 38 -18.65 19.00 4.36
CA CYS A 38 -18.43 17.59 4.05
C CYS A 38 -16.96 17.36 3.68
N ASP A 39 -16.30 16.40 4.33
CA ASP A 39 -14.83 16.30 4.16
C ASP A 39 -14.26 14.94 3.72
N GLY A 40 -15.15 13.99 3.47
CA GLY A 40 -14.77 12.71 2.88
C GLY A 40 -14.25 11.70 3.87
N LEU A 41 -14.18 12.07 5.15
CA LEU A 41 -13.65 11.19 6.19
C LEU A 41 -14.68 10.17 6.68
N SER A 42 -14.21 9.03 7.19
CA SER A 42 -15.11 7.91 7.52
C SER A 42 -16.14 8.18 8.64
N ASP A 43 -15.85 9.13 9.51
CA ASP A 43 -16.77 9.50 10.59
C ASP A 43 -18.03 10.18 10.05
N GLN A 44 -17.92 10.82 8.88
CA GLN A 44 -19.08 11.43 8.22
C GLN A 44 -19.89 10.41 7.39
N GLN A 45 -19.41 9.17 7.31
CA GLN A 45 -20.17 8.11 6.68
C GLN A 45 -21.09 7.55 7.73
N ILE A 46 -22.32 8.03 7.69
CA ILE A 46 -23.25 7.74 8.77
C ILE A 46 -23.93 6.43 8.39
N ILE A 47 -24.18 5.59 9.37
CA ILE A 47 -24.87 4.32 9.17
C ILE A 47 -26.26 4.42 9.78
N ILE A 48 -27.29 4.30 8.93
CA ILE A 48 -28.67 4.26 9.39
C ILE A 48 -28.94 2.76 9.67
N CYS A 49 -28.97 2.39 10.94
CA CYS A 49 -29.11 0.98 11.34
C CYS A 49 -30.57 0.53 11.48
N GLY A 50 -30.86 -0.69 10.99
CA GLY A 50 -32.23 -1.23 11.06
C GLY A 50 -32.75 -1.38 12.49
N ASP A 51 -31.85 -1.45 13.45
CA ASP A 51 -32.20 -1.51 14.88
C ASP A 51 -32.59 -0.16 15.51
N GLY A 52 -32.53 0.91 14.71
CA GLY A 52 -32.95 2.23 15.17
C GLY A 52 -31.79 3.16 15.50
N THR A 53 -30.61 2.58 15.72
CA THR A 53 -29.43 3.37 16.06
C THR A 53 -28.89 4.11 14.83
N ILE A 54 -28.16 5.19 15.07
CA ILE A 54 -27.45 5.87 14.00
C ILE A 54 -26.00 5.86 14.42
N ARG A 55 -25.18 5.24 13.58
CA ARG A 55 -23.77 5.03 13.85
C ARG A 55 -22.91 5.63 12.73
N ASN A 56 -21.63 5.29 12.68
CA ASN A 56 -20.73 5.85 11.68
C ASN A 56 -19.60 4.86 11.36
N GLU A 57 -18.90 5.06 10.24
CA GLU A 57 -17.87 4.11 9.84
C GLU A 57 -16.50 4.29 10.52
N ALA A 58 -16.31 5.38 11.26
CA ALA A 58 -15.02 5.60 11.96
C ALA A 58 -14.97 4.74 13.21
N ARG A 59 -16.09 4.67 13.92
CA ARG A 59 -16.17 3.95 15.17
C ARG A 59 -17.59 3.51 15.45
N ASN A 60 -17.73 2.35 16.11
CA ASN A 60 -19.03 1.79 16.49
C ASN A 60 -19.71 2.55 17.66
N TYR A 61 -19.90 3.87 17.51
CA TYR A 61 -20.62 4.71 18.47
C TYR A 61 -21.98 5.16 17.92
N CYS A 62 -22.85 5.63 18.82
CA CYS A 62 -24.24 5.91 18.52
C CYS A 62 -24.60 7.38 18.70
N PHE A 63 -25.46 7.91 17.82
CA PHE A 63 -26.04 9.24 18.05
C PHE A 63 -26.83 9.13 19.35
N THR A 64 -26.51 10.00 20.31
CA THR A 64 -27.02 9.90 21.69
C THR A 64 -27.36 11.28 22.27
N PRO A 65 -28.61 11.48 22.73
CA PRO A 65 -28.90 12.73 23.40
C PRO A 65 -28.24 12.70 24.78
N ASP A 66 -27.57 13.79 25.14
CA ASP A 66 -26.91 13.86 26.43
C ASP A 66 -27.90 14.29 27.49
N GLY A 67 -28.89 13.44 27.75
CA GLY A 67 -29.91 13.68 28.77
C GLY A 67 -31.32 13.84 28.24
N SER A 68 -32.22 14.24 29.12
CA SER A 68 -33.63 14.46 28.75
C SER A 68 -33.90 15.90 28.27
N GLY A 69 -35.12 16.10 27.79
CA GLY A 69 -35.58 17.39 27.30
C GLY A 69 -34.92 17.77 25.99
N ASN A 70 -34.82 19.07 25.75
CA ASN A 70 -34.08 19.60 24.62
C ASN A 70 -32.58 19.54 24.91
N ALA A 71 -31.96 18.39 24.63
CA ALA A 71 -30.56 18.16 24.99
C ALA A 71 -29.60 18.19 23.79
N ASN A 72 -28.31 18.27 24.09
CA ASN A 72 -27.27 18.17 23.07
C ASN A 72 -27.22 16.74 22.53
N VAL A 73 -26.85 16.60 21.26
CA VAL A 73 -26.61 15.27 20.70
C VAL A 73 -25.13 15.08 20.37
N MET A 74 -24.62 13.91 20.75
CA MET A 74 -23.22 13.56 20.58
C MET A 74 -23.11 12.11 20.13
N SER A 75 -21.92 11.72 19.67
CA SER A 75 -21.65 10.34 19.33
C SER A 75 -20.99 9.64 20.52
N SER A 76 -21.70 8.68 21.12
CA SER A 76 -21.31 8.07 22.40
C SER A 76 -21.38 6.54 22.29
N PRO A 77 -20.76 5.81 23.24
CA PRO A 77 -20.90 4.35 23.22
C PRO A 77 -22.35 3.93 23.08
N CYS A 78 -22.61 2.90 22.26
CA CYS A 78 -23.93 2.30 22.13
C CYS A 78 -24.20 1.36 23.29
N THR A 79 -25.38 1.50 23.90
CA THR A 79 -25.82 0.60 24.97
C THR A 79 -26.62 -0.51 24.32
N LEU A 80 -26.07 -1.72 24.33
CA LEU A 80 -26.69 -2.86 23.62
C LEU A 80 -27.37 -3.87 24.54
N TYR A 81 -26.97 -3.89 25.81
CA TYR A 81 -27.43 -4.91 26.75
C TYR A 81 -27.89 -4.24 28.04
N PRO A 82 -29.03 -4.70 28.62
CA PRO A 82 -29.91 -5.81 28.19
C PRO A 82 -30.62 -5.58 26.85
N GLU A 83 -30.85 -4.31 26.50
CA GLU A 83 -31.33 -3.94 25.16
C GLU A 83 -30.85 -2.54 24.78
N ILE A 84 -30.96 -2.19 23.49
CA ILE A 84 -30.71 -0.83 23.05
C ILE A 84 -31.84 0.05 23.60
N PRO A 85 -31.49 1.09 24.37
CA PRO A 85 -32.54 1.93 24.94
C PRO A 85 -33.18 2.81 23.89
N SER A 86 -34.44 3.15 24.09
CA SER A 86 -35.19 3.95 23.12
C SER A 86 -34.58 5.34 22.92
N SER A 87 -33.72 5.76 23.84
CA SER A 87 -33.06 7.07 23.74
C SER A 87 -31.97 7.08 22.68
N GLN A 88 -31.44 5.90 22.36
CA GLN A 88 -30.49 5.76 21.28
C GLN A 88 -31.12 5.25 19.97
N ARG A 89 -32.44 5.25 19.90
CA ARG A 89 -33.13 4.82 18.70
C ARG A 89 -33.95 5.94 18.09
N TRP A 90 -34.03 5.92 16.78
CA TRP A 90 -34.59 7.01 16.03
C TRP A 90 -35.47 6.43 14.94
N ARG A 91 -36.54 7.13 14.58
CA ARG A 91 -37.33 6.78 13.39
C ARG A 91 -37.36 7.91 12.38
N GLN A 92 -37.58 7.61 11.10
CA GLN A 92 -37.85 8.64 10.12
C GLN A 92 -39.27 9.17 10.31
N GLY A 93 -39.42 10.49 10.25
CA GLY A 93 -40.72 11.11 10.33
C GLY A 93 -41.21 11.49 8.96
N ARG A 94 -41.80 12.67 8.87
CA ARG A 94 -42.23 13.24 7.63
C ARG A 94 -41.10 13.42 6.64
N ARG A 95 -41.45 13.37 5.36
CA ARG A 95 -40.46 13.40 4.29
C ARG A 95 -40.56 14.67 3.44
N LYS A 96 -39.41 15.07 2.88
CA LYS A 96 -39.32 16.14 1.88
C LYS A 96 -38.41 15.66 0.74
N THR A 97 -38.89 15.72 -0.49
CA THR A 97 -38.07 15.38 -1.66
C THR A 97 -37.65 16.63 -2.44
N PHE A 98 -36.44 16.60 -2.99
CA PHE A 98 -35.89 17.71 -3.79
C PHE A 98 -34.81 17.20 -4.74
N THR A 99 -34.50 18.02 -5.75
CA THR A 99 -33.44 17.70 -6.70
C THR A 99 -32.24 18.60 -6.40
N ASP A 100 -31.11 18.01 -6.07
CA ASP A 100 -29.94 18.82 -5.74
C ASP A 100 -29.32 19.46 -7.01
N ASN A 101 -28.29 20.28 -6.80
CA ASN A 101 -27.66 21.04 -7.88
C ASN A 101 -26.84 20.17 -8.84
N GLY A 102 -26.53 18.94 -8.42
CA GLY A 102 -25.98 17.92 -9.33
C GLY A 102 -27.04 17.20 -10.14
N GLY A 103 -28.31 17.55 -9.92
CA GLY A 103 -29.44 16.96 -10.65
C GLY A 103 -29.97 15.65 -10.07
N ILE A 104 -29.64 15.36 -8.82
CA ILE A 104 -30.01 14.06 -8.19
C ILE A 104 -31.20 14.23 -7.22
N GLU A 105 -32.24 13.39 -7.33
CA GLU A 105 -33.36 13.44 -6.38
C GLU A 105 -32.88 12.89 -5.06
N GLN A 106 -33.12 13.66 -4.01
CA GLN A 106 -32.76 13.29 -2.66
C GLN A 106 -34.06 13.20 -1.84
N VAL A 107 -34.03 12.43 -0.75
CA VAL A 107 -35.16 12.30 0.17
C VAL A 107 -34.68 12.65 1.57
N ALA A 108 -35.26 13.71 2.11
CA ALA A 108 -35.01 14.17 3.45
C ALA A 108 -36.18 13.78 4.34
N THR A 109 -35.87 13.43 5.59
CA THR A 109 -36.91 13.13 6.57
C THR A 109 -36.52 13.70 7.91
N GLU A 110 -37.53 13.93 8.75
CA GLU A 110 -37.29 14.21 10.16
C GLU A 110 -36.63 12.99 10.76
N ILE A 111 -35.77 13.24 11.74
CA ILE A 111 -35.19 12.11 12.45
C ILE A 111 -35.65 12.22 13.90
N ILE A 112 -36.50 11.28 14.33
CA ILE A 112 -37.23 11.42 15.59
C ILE A 112 -36.74 10.47 16.69
N ASN A 113 -36.37 11.02 17.83
CA ASN A 113 -35.91 10.18 18.95
C ASN A 113 -37.05 9.35 19.52
N LEU A 114 -36.81 8.06 19.69
CA LEU A 114 -37.83 7.12 20.17
C LEU A 114 -38.23 7.27 21.64
N ALA A 115 -37.31 7.71 22.49
CA ALA A 115 -37.64 7.95 23.90
C ALA A 115 -38.49 9.21 24.08
N SER A 116 -38.03 10.33 23.54
CA SER A 116 -38.62 11.64 23.77
C SER A 116 -39.62 12.16 22.73
N GLY A 117 -39.60 11.58 21.53
CA GLY A 117 -40.37 12.09 20.41
C GLY A 117 -39.87 13.41 19.84
N LYS A 118 -38.70 13.87 20.32
CA LYS A 118 -38.08 15.10 19.83
C LYS A 118 -37.29 14.89 18.54
N CYS A 119 -37.17 15.94 17.73
CA CYS A 119 -36.55 15.85 16.41
C CYS A 119 -35.06 16.12 16.50
N LEU A 120 -34.25 15.43 15.68
CA LEU A 120 -32.86 15.86 15.47
C LEU A 120 -32.95 17.30 14.94
N ASP A 121 -32.11 18.18 15.45
CA ASP A 121 -32.30 19.63 15.22
C ASP A 121 -30.97 20.38 15.16
N ILE A 122 -30.92 21.40 14.33
CA ILE A 122 -29.79 22.31 14.29
C ILE A 122 -30.21 23.62 14.97
N GLU A 123 -29.31 24.20 15.75
CA GLU A 123 -29.58 25.46 16.45
C GLU A 123 -30.02 26.54 15.47
N GLY A 124 -31.04 27.30 15.88
CA GLY A 124 -31.54 28.38 15.06
C GLY A 124 -32.36 27.85 13.91
N SER A 125 -32.20 28.47 12.75
CA SER A 125 -33.08 28.21 11.62
C SER A 125 -32.32 28.05 10.30
N ASP A 126 -31.04 28.40 10.31
CA ASP A 126 -30.27 28.49 9.06
C ASP A 126 -29.58 27.18 8.66
N GLY A 127 -29.76 26.15 9.46
CA GLY A 127 -29.19 24.83 9.15
C GLY A 127 -27.68 24.75 9.37
N THR A 128 -27.11 25.70 10.12
CA THR A 128 -25.71 25.59 10.55
C THR A 128 -25.57 25.78 12.06
N GLY A 129 -24.72 24.95 12.67
CA GLY A 129 -24.37 25.06 14.08
C GLY A 129 -24.52 23.74 14.83
N ASP A 130 -24.62 23.85 16.15
CA ASP A 130 -24.77 22.71 17.06
C ASP A 130 -26.01 21.87 16.80
N ILE A 131 -25.84 20.56 16.95
CA ILE A 131 -26.93 19.60 16.75
C ILE A 131 -27.38 18.95 18.07
N GLY A 132 -28.69 18.90 18.27
CA GLY A 132 -29.26 18.28 19.46
C GLY A 132 -30.67 17.82 19.16
N VAL A 133 -31.48 17.62 20.20
CA VAL A 133 -32.90 17.33 20.00
C VAL A 133 -33.78 18.47 20.49
N TYR A 134 -34.87 18.69 19.78
CA TYR A 134 -35.79 19.79 20.06
C TYR A 134 -37.16 19.37 19.56
N ASP A 135 -38.19 20.04 20.06
CA ASP A 135 -39.56 19.81 19.61
C ASP A 135 -39.68 19.94 18.10
N CYS A 136 -40.35 19.00 17.47
CA CYS A 136 -40.49 19.02 16.02
C CYS A 136 -41.31 20.22 15.57
N GLN A 137 -40.73 21.04 14.70
CA GLN A 137 -41.39 22.29 14.28
C GLN A 137 -41.66 22.45 12.79
N ASN A 138 -41.49 21.36 12.03
CA ASN A 138 -41.74 21.31 10.57
C ASN A 138 -40.75 22.12 9.70
N LEU A 139 -39.74 22.75 10.31
CA LEU A 139 -38.84 23.62 9.55
C LEU A 139 -37.76 22.80 8.82
N ASP A 140 -37.28 23.32 7.70
CA ASP A 140 -36.27 22.66 6.83
C ASP A 140 -35.01 22.16 7.55
N ASP A 141 -34.64 22.83 8.64
CA ASP A 141 -33.41 22.47 9.39
C ASP A 141 -33.62 21.29 10.38
N GLN A 142 -34.83 20.75 10.39
CA GLN A 142 -35.07 19.48 11.06
C GLN A 142 -35.26 18.30 10.10
N TYR A 143 -34.87 18.51 8.84
CA TYR A 143 -34.94 17.47 7.80
C TYR A 143 -33.52 17.12 7.34
N PHE A 144 -33.26 15.83 7.17
CA PHE A 144 -31.91 15.32 6.86
C PHE A 144 -32.03 14.27 5.76
N TYR A 145 -31.11 14.33 4.80
CA TYR A 145 -31.06 13.31 3.74
C TYR A 145 -29.76 12.53 3.77
N VAL A 146 -29.82 11.21 3.52
CA VAL A 146 -28.56 10.50 3.24
C VAL A 146 -28.25 10.78 1.78
N ARG A 147 -27.09 11.37 1.54
CA ARG A 147 -26.72 11.93 0.25
C ARG A 147 -26.55 10.84 -0.78
N SER A 148 -27.18 11.01 -1.94
CA SER A 148 -26.97 10.13 -3.06
C SER A 148 -26.15 10.88 -4.12
N ARG A 149 -25.21 10.17 -4.72
CA ARG A 149 -24.46 10.72 -5.85
C ARG A 149 -25.14 10.40 -7.17
N GLY A 150 -26.28 9.73 -7.10
CA GLY A 150 -26.88 9.08 -8.25
C GLY A 150 -26.06 7.85 -8.61
N PRO A 151 -26.44 7.16 -9.71
CA PRO A 151 -25.68 6.01 -10.18
C PRO A 151 -24.20 6.27 -10.44
N GLU A 152 -23.35 5.30 -10.10
CA GLU A 152 -21.98 5.33 -10.55
C GLU A 152 -22.05 4.95 -12.04
N LEU A 153 -21.43 5.77 -12.89
CA LEU A 153 -21.56 5.60 -14.33
C LEU A 153 -20.39 4.85 -14.92
N PHE A 154 -19.18 5.22 -14.50
CA PHE A 154 -17.94 4.66 -15.04
C PHE A 154 -16.88 4.70 -13.95
N TYR A 155 -15.80 3.96 -14.16
CA TYR A 155 -14.72 3.91 -13.19
C TYR A 155 -13.46 3.36 -13.84
N GLY A 156 -12.32 3.58 -13.19
CA GLY A 156 -11.08 3.01 -13.66
C GLY A 156 -10.02 4.10 -13.79
N ARG A 157 -8.91 3.77 -14.44
CA ARG A 157 -7.96 4.80 -14.81
C ARG A 157 -8.44 5.47 -16.08
N LEU A 158 -7.90 6.67 -16.35
CA LEU A 158 -8.27 7.42 -17.53
C LEU A 158 -7.05 7.60 -18.46
N ARG A 159 -7.06 6.89 -19.58
CA ARG A 159 -5.93 6.83 -20.52
C ARG A 159 -6.19 7.79 -21.69
N ASN A 160 -5.23 8.69 -21.89
CA ASN A 160 -5.30 9.67 -22.97
C ASN A 160 -5.14 9.04 -24.36
N GLU A 161 -6.00 9.43 -25.29
CA GLU A 161 -6.00 8.89 -26.65
C GLU A 161 -4.72 9.20 -27.42
N LYS A 162 -4.18 10.40 -27.23
CA LYS A 162 -2.98 10.85 -27.94
C LYS A 162 -1.72 10.13 -27.44
N SER A 163 -1.50 10.15 -26.12
CA SER A 163 -0.23 9.72 -25.54
C SER A 163 -0.19 8.33 -24.94
N ASP A 164 -1.37 7.73 -24.72
CA ASP A 164 -1.47 6.46 -23.97
C ASP A 164 -1.10 6.59 -22.51
N LEU A 165 -0.90 7.82 -22.03
CA LEU A 165 -0.59 8.03 -20.63
C LEU A 165 -1.89 8.09 -19.82
N CYS A 166 -1.77 8.00 -18.50
CA CYS A 166 -2.94 8.02 -17.62
C CYS A 166 -3.09 9.32 -16.86
N LEU A 167 -4.33 9.72 -16.59
CA LEU A 167 -4.63 10.83 -15.71
C LEU A 167 -4.07 10.54 -14.32
N ASP A 168 -3.22 11.44 -13.81
CA ASP A 168 -2.38 11.12 -12.66
C ASP A 168 -2.50 12.22 -11.62
N VAL A 169 -2.36 11.87 -10.35
CA VAL A 169 -2.21 12.87 -9.29
C VAL A 169 -0.76 12.84 -8.78
N GLU A 170 -0.15 14.03 -8.67
CA GLU A 170 1.27 14.13 -8.25
C GLU A 170 1.49 13.38 -6.94
N GLY A 171 2.63 12.71 -6.80
CA GLY A 171 2.88 11.89 -5.63
C GLY A 171 2.03 10.63 -5.67
N SER A 172 1.54 10.19 -4.52
CA SER A 172 0.69 8.99 -4.49
C SER A 172 -0.41 9.02 -3.41
N ASP A 173 -0.55 10.14 -2.73
CA ASP A 173 -1.59 10.29 -1.70
C ASP A 173 -2.94 10.78 -2.27
N GLY A 174 -3.00 10.95 -3.60
CA GLY A 174 -4.24 11.32 -4.27
C GLY A 174 -4.63 12.76 -4.00
N LYS A 175 -3.65 13.57 -3.64
CA LYS A 175 -3.89 14.97 -3.35
C LYS A 175 -3.01 15.86 -4.20
N GLY A 176 -3.56 17.01 -4.60
CA GLY A 176 -2.81 18.02 -5.37
C GLY A 176 -3.03 17.98 -6.88
N ASN A 177 -1.99 18.38 -7.61
CA ASN A 177 -2.08 18.61 -9.06
C ASN A 177 -2.24 17.35 -9.88
N VAL A 178 -3.08 17.49 -10.90
CA VAL A 178 -3.35 16.45 -11.87
C VAL A 178 -2.59 16.74 -13.17
N LEU A 179 -1.97 15.70 -13.71
CA LEU A 179 -1.08 15.79 -14.86
C LEU A 179 -1.09 14.44 -15.53
N MET A 180 -0.50 14.34 -16.74
CA MET A 180 -0.39 13.04 -17.38
C MET A 180 0.84 12.30 -16.86
N TYR A 181 0.74 10.98 -16.75
CA TYR A 181 1.89 10.17 -16.31
C TYR A 181 1.73 8.74 -16.76
N SER A 182 2.86 8.02 -16.82
CA SER A 182 2.87 6.58 -16.98
C SER A 182 1.74 5.98 -16.16
N CYS A 183 0.96 5.11 -16.79
CA CYS A 183 -0.09 4.39 -16.07
C CYS A 183 0.53 3.52 -15.01
N GLU A 184 0.03 3.64 -13.79
CA GLU A 184 0.56 2.86 -12.68
C GLU A 184 -0.58 2.18 -11.94
N ASP A 185 -0.28 1.02 -11.39
CA ASP A 185 -1.26 0.21 -10.67
C ASP A 185 -1.41 0.75 -9.23
N ASN A 186 -1.73 2.03 -9.12
CA ASN A 186 -1.91 2.68 -7.82
C ASN A 186 -3.26 3.35 -7.76
N LEU A 187 -3.87 3.33 -6.57
CA LEU A 187 -5.17 3.96 -6.31
C LEU A 187 -5.30 5.44 -6.69
N ASP A 188 -4.20 6.18 -6.70
CA ASP A 188 -4.29 7.61 -6.95
C ASP A 188 -4.60 7.91 -8.41
N GLN A 189 -4.63 6.87 -9.23
CA GLN A 189 -4.91 6.98 -10.65
C GLN A 189 -6.30 6.41 -10.97
N TRP A 190 -6.99 5.93 -9.95
CA TRP A 190 -8.30 5.30 -10.14
C TRP A 190 -9.36 6.31 -9.79
N PHE A 191 -10.35 6.42 -10.67
CA PHE A 191 -11.42 7.39 -10.55
C PHE A 191 -12.77 6.70 -10.71
N ARG A 192 -13.76 7.26 -10.03
CA ARG A 192 -15.16 6.82 -10.10
C ARG A 192 -16.05 8.01 -10.46
N TYR A 193 -16.83 7.85 -11.52
CA TYR A 193 -17.59 8.94 -12.13
C TYR A 193 -19.08 8.76 -11.90
N TYR A 194 -19.77 9.78 -11.38
CA TYR A 194 -21.17 9.65 -10.96
C TYR A 194 -22.14 10.51 -11.76
N GLU A 195 -23.42 10.16 -11.69
CA GLU A 195 -24.47 10.97 -12.32
C GLU A 195 -24.50 12.43 -11.86
N ASN A 196 -24.06 12.70 -10.63
CA ASN A 196 -24.07 14.08 -10.13
C ASN A 196 -22.96 14.92 -10.79
N GLY A 197 -22.12 14.26 -11.59
CA GLY A 197 -21.04 14.92 -12.30
C GLY A 197 -19.67 14.81 -11.64
N GLU A 198 -19.63 14.32 -10.41
CA GLU A 198 -18.36 14.23 -9.67
C GLU A 198 -17.46 13.13 -10.23
N ILE A 199 -16.15 13.42 -10.36
CA ILE A 199 -15.17 12.39 -10.66
C ILE A 199 -14.28 12.28 -9.42
N VAL A 200 -14.32 11.11 -8.76
CA VAL A 200 -13.79 10.97 -7.41
C VAL A 200 -12.54 10.11 -7.38
N ASN A 201 -11.47 10.65 -6.77
CA ASN A 201 -10.23 9.90 -6.64
C ASN A 201 -10.37 8.82 -5.59
N ALA A 202 -9.91 7.62 -5.92
CA ALA A 202 -10.05 6.49 -5.01
C ALA A 202 -9.10 6.56 -3.82
N LYS A 203 -7.91 7.13 -4.02
CA LYS A 203 -6.96 7.18 -2.90
C LYS A 203 -7.42 8.19 -1.83
N SER A 204 -7.80 9.38 -2.28
CA SER A 204 -8.06 10.46 -1.37
C SER A 204 -9.52 10.63 -1.06
N GLY A 205 -10.40 10.03 -1.86
CA GLY A 205 -11.83 10.33 -1.81
C GLY A 205 -12.21 11.75 -2.18
N MET A 206 -11.31 12.49 -2.84
CA MET A 206 -11.56 13.88 -3.19
C MET A 206 -11.91 14.03 -4.66
N CYS A 207 -12.31 15.24 -5.06
CA CYS A 207 -12.88 15.44 -6.38
C CYS A 207 -11.92 16.04 -7.40
N LEU A 208 -12.13 15.65 -8.66
CA LEU A 208 -11.51 16.32 -9.81
C LEU A 208 -12.06 17.74 -9.90
N ASP A 209 -11.17 18.70 -9.73
CA ASP A 209 -11.52 20.10 -9.45
C ASP A 209 -10.77 21.05 -10.38
N VAL A 210 -11.39 22.17 -10.70
CA VAL A 210 -10.66 23.24 -11.36
C VAL A 210 -10.35 24.34 -10.33
N GLU A 211 -9.16 24.94 -10.48
CA GLU A 211 -8.73 26.01 -9.57
C GLU A 211 -9.74 27.14 -9.60
N GLY A 212 -9.95 27.78 -8.44
CA GLY A 212 -10.93 28.84 -8.31
C GLY A 212 -12.34 28.30 -8.50
N SER A 213 -13.22 29.06 -9.14
CA SER A 213 -14.64 28.68 -9.24
C SER A 213 -15.26 28.76 -10.64
N ASP A 214 -14.54 29.37 -11.58
CA ASP A 214 -15.11 29.63 -12.91
C ASP A 214 -14.98 28.47 -13.93
N GLY A 215 -14.26 27.41 -13.54
CA GLY A 215 -14.15 26.22 -14.36
C GLY A 215 -13.10 26.30 -15.47
N SER A 216 -12.33 27.38 -15.47
CA SER A 216 -11.24 27.59 -16.43
C SER A 216 -9.94 27.65 -15.66
N GLY A 217 -9.07 26.67 -15.81
CA GLY A 217 -7.80 26.71 -15.10
C GLY A 217 -7.14 25.37 -14.90
N ASN A 218 -6.19 25.34 -13.98
CA ASN A 218 -5.43 24.14 -13.71
C ASN A 218 -6.32 23.15 -13.01
N VAL A 219 -6.17 21.89 -13.38
CA VAL A 219 -6.95 20.82 -12.75
C VAL A 219 -6.11 20.07 -11.71
N GLY A 220 -6.73 19.79 -10.57
CA GLY A 220 -6.15 19.00 -9.50
C GLY A 220 -7.26 18.33 -8.67
N ILE A 221 -6.86 17.82 -7.51
CA ILE A 221 -7.77 17.11 -6.63
C ILE A 221 -7.98 17.98 -5.41
N TYR A 222 -9.25 18.20 -5.09
CA TYR A 222 -9.63 19.07 -3.99
C TYR A 222 -10.89 18.55 -3.31
N ARG A 223 -11.11 19.04 -2.08
CA ARG A 223 -12.32 18.70 -1.30
C ARG A 223 -13.57 18.78 -2.19
N CYS A 224 -14.31 17.69 -2.29
CA CYS A 224 -15.62 17.73 -2.95
C CYS A 224 -16.49 18.83 -2.33
N ASP A 225 -16.90 19.79 -3.16
CA ASP A 225 -17.58 20.96 -2.62
C ASP A 225 -18.99 21.17 -3.18
N ASP A 226 -19.42 20.26 -4.07
CA ASP A 226 -20.76 20.31 -4.70
C ASP A 226 -20.97 21.46 -5.68
N LEU A 227 -19.88 22.11 -6.06
CA LEU A 227 -19.96 23.25 -6.96
C LEU A 227 -19.91 22.78 -8.41
N ARG A 228 -20.41 23.62 -9.30
CA ARG A 228 -20.53 23.28 -10.71
C ARG A 228 -19.21 23.04 -11.41
N ASP A 229 -18.13 23.62 -10.87
CA ASP A 229 -16.82 23.46 -11.49
C ASP A 229 -16.19 22.12 -11.16
N GLN A 230 -16.83 21.34 -10.29
CA GLN A 230 -16.42 19.95 -10.01
C GLN A 230 -17.43 18.95 -10.63
N MET A 231 -18.34 19.45 -11.44
CA MET A 231 -19.24 18.58 -12.22
C MET A 231 -18.73 18.48 -13.66
N TRP A 232 -18.76 17.25 -14.20
CA TRP A 232 -18.25 16.98 -15.53
C TRP A 232 -19.27 16.17 -16.31
N SER A 233 -19.46 16.53 -17.57
CA SER A 233 -20.27 15.73 -18.50
C SER A 233 -19.38 14.95 -19.48
N ARG A 234 -19.94 13.90 -20.07
CA ARG A 234 -19.22 13.04 -20.98
C ARG A 234 -20.17 12.82 -22.15
N PRO A 235 -20.44 13.87 -22.94
CA PRO A 235 -21.49 13.86 -23.97
C PRO A 235 -21.11 12.92 -25.12
N ASN A 236 -22.09 12.18 -25.62
CA ASN A 236 -21.88 11.28 -26.76
C ASN A 236 -21.24 11.98 -27.98
N ALA A 237 -21.63 13.23 -28.23
CA ALA A 237 -21.15 14.02 -29.36
C ALA A 237 -19.63 14.09 -29.45
N TYR A 238 -18.99 14.04 -28.27
CA TYR A 238 -17.54 14.13 -28.18
C TYR A 238 -16.81 12.78 -28.05
N CYS A 239 -17.56 11.68 -28.08
CA CYS A 239 -16.97 10.35 -27.94
C CYS A 239 -16.63 9.76 -29.28
N ASN A 240 -15.47 9.13 -29.33
CA ASN A 240 -15.03 8.34 -30.48
C ASN A 240 -14.79 6.92 -29.94
N GLY A 241 -15.80 6.08 -30.10
CA GLY A 241 -15.77 4.75 -29.50
C GLY A 241 -15.78 4.89 -27.99
N ASP A 242 -14.71 4.48 -27.35
CA ASP A 242 -14.65 4.48 -25.90
C ASP A 242 -13.79 5.61 -25.40
N TYR A 243 -13.29 6.43 -26.33
CA TYR A 243 -12.48 7.60 -25.99
C TYR A 243 -13.40 8.82 -26.04
N CYS A 244 -13.57 9.50 -24.91
CA CYS A 244 -14.51 10.60 -24.79
C CYS A 244 -13.88 11.84 -24.16
N SER A 245 -14.48 13.00 -24.46
CA SER A 245 -14.13 14.26 -23.80
C SER A 245 -14.92 14.46 -22.49
N PHE A 246 -14.34 15.18 -21.55
CA PHE A 246 -15.06 15.53 -20.32
C PHE A 246 -15.17 17.04 -20.28
N LEU A 247 -16.40 17.52 -20.27
CA LEU A 247 -16.68 18.93 -20.26
C LEU A 247 -17.08 19.37 -18.86
N ASN A 248 -16.43 20.44 -18.41
CA ASN A 248 -16.73 21.06 -17.13
C ASN A 248 -18.04 21.78 -17.19
N LYS A 249 -18.89 21.58 -16.18
CA LYS A 249 -20.25 22.09 -16.28
C LYS A 249 -20.31 23.61 -16.05
N GLU A 250 -19.31 24.14 -15.35
CA GLU A 250 -19.28 25.57 -15.05
C GLU A 250 -18.84 26.39 -16.27
N SER A 251 -17.77 25.98 -16.94
CA SER A 251 -17.13 26.73 -18.03
C SER A 251 -17.45 26.20 -19.41
N ASN A 252 -17.98 24.99 -19.48
CA ASN A 252 -18.15 24.26 -20.73
C ASN A 252 -16.80 24.00 -21.43
N LYS A 253 -15.70 24.07 -20.70
CA LYS A 253 -14.39 23.75 -21.29
C LYS A 253 -14.05 22.29 -21.10
N CYS A 254 -13.17 21.79 -21.95
CA CYS A 254 -12.75 20.40 -21.95
C CYS A 254 -11.61 20.14 -21.01
N LEU A 255 -11.63 18.96 -20.41
CA LEU A 255 -10.49 18.46 -19.66
C LEU A 255 -9.41 18.35 -20.74
N ASP A 256 -8.26 18.95 -20.48
CA ASP A 256 -7.28 19.20 -21.53
C ASP A 256 -5.85 18.93 -21.08
N VAL A 257 -4.99 18.47 -21.98
CA VAL A 257 -3.56 18.39 -21.68
C VAL A 257 -2.83 19.55 -22.39
N SER A 258 -1.85 20.11 -21.69
CA SER A 258 -1.01 21.17 -22.20
C SER A 258 -0.48 20.81 -23.59
N GLY A 259 -0.60 21.74 -24.53
CA GLY A 259 -0.13 21.51 -25.89
C GLY A 259 -0.94 20.47 -26.63
N ASP A 260 -0.28 19.59 -27.38
CA ASP A 260 -1.01 18.63 -28.20
C ASP A 260 -0.49 17.19 -28.15
N GLN A 261 0.55 16.95 -27.37
CA GLN A 261 1.16 15.62 -27.33
C GLN A 261 0.57 14.69 -26.27
N GLY A 262 -0.35 15.20 -25.45
CA GLY A 262 -0.94 14.39 -24.38
C GLY A 262 0.01 14.05 -23.24
N THR A 263 1.03 14.87 -23.02
CA THR A 263 2.13 14.50 -22.11
C THR A 263 2.33 15.39 -20.86
N GLY A 264 1.80 16.62 -20.88
CA GLY A 264 2.12 17.56 -19.81
C GLY A 264 1.09 17.69 -18.70
N ASP A 265 0.97 18.92 -18.20
CA ASP A 265 0.03 19.32 -17.16
C ASP A 265 -1.43 19.31 -17.67
N VAL A 266 -2.36 19.06 -16.75
CA VAL A 266 -3.78 18.93 -17.09
C VAL A 266 -4.55 20.12 -16.52
N GLY A 267 -5.43 20.67 -17.34
CA GLY A 267 -6.27 21.80 -16.96
C GLY A 267 -7.56 21.75 -17.75
N THR A 268 -8.31 22.85 -17.75
CA THR A 268 -9.42 22.97 -18.70
C THR A 268 -9.05 23.97 -19.81
N TRP A 269 -9.53 23.68 -21.01
CA TRP A 269 -9.30 24.56 -22.16
C TRP A 269 -10.51 24.45 -23.09
N GLN A 270 -10.70 25.49 -23.90
CA GLN A 270 -11.63 25.45 -25.02
C GLN A 270 -11.54 24.08 -25.72
N CYS A 271 -12.68 23.45 -25.98
CA CYS A 271 -12.68 22.17 -26.67
C CYS A 271 -12.21 22.34 -28.10
N ASP A 272 -11.41 21.39 -28.57
CA ASP A 272 -10.85 21.47 -29.93
C ASP A 272 -10.98 20.19 -30.73
N GLY A 273 -11.55 19.16 -30.12
CA GLY A 273 -11.77 17.89 -30.81
C GLY A 273 -10.53 17.09 -31.12
N LEU A 274 -9.38 17.49 -30.56
CA LEU A 274 -8.11 16.75 -30.76
C LEU A 274 -7.96 15.56 -29.81
N PRO A 275 -7.14 14.57 -30.19
CA PRO A 275 -7.05 13.38 -29.35
C PRO A 275 -6.55 13.58 -27.92
N ASP A 276 -5.83 14.66 -27.65
CA ASP A 276 -5.32 14.88 -26.30
C ASP A 276 -6.43 15.33 -25.36
N GLN A 277 -7.61 15.57 -25.92
CA GLN A 277 -8.79 15.91 -25.13
C GLN A 277 -9.80 14.75 -25.02
N ARG A 278 -9.38 13.56 -25.41
CA ARG A 278 -10.17 12.35 -25.16
C ARG A 278 -9.45 11.32 -24.29
N PHE A 279 -10.24 10.67 -23.42
CA PHE A 279 -9.76 9.70 -22.45
C PHE A 279 -10.69 8.49 -22.44
N LYS A 280 -10.12 7.30 -22.22
CA LYS A 280 -10.89 6.05 -22.13
C LYS A 280 -10.79 5.49 -20.72
N TRP A 281 -11.91 4.98 -20.20
CA TRP A 281 -11.88 4.30 -18.91
C TRP A 281 -11.18 2.95 -19.03
N VAL A 282 -10.16 2.73 -18.20
CA VAL A 282 -9.43 1.46 -18.20
C VAL A 282 -9.72 0.69 -16.92
N PHE A 283 -10.30 -0.49 -17.08
CA PHE A 283 -10.73 -1.30 -15.94
C PHE A 283 -10.89 -2.76 -16.38
N ASP A 284 -10.78 -3.70 -15.44
CA ASP A 284 -11.07 -5.10 -15.71
C ASP A 284 -12.57 -5.41 -15.66
N ASP A 285 -13.03 -6.29 -16.51
CA ASP A 285 -14.43 -6.72 -16.43
C ASP A 285 -14.68 -7.69 -15.29
N TRP A 286 -15.66 -7.35 -14.45
CA TRP A 286 -16.20 -8.24 -13.43
C TRP A 286 -17.70 -8.36 -13.66
N GLU A 287 -18.21 -9.56 -13.45
CA GLU A 287 -19.65 -9.84 -13.60
C GLU A 287 -20.45 -9.02 -12.59
N VAL A 288 -21.64 -8.58 -13.01
CA VAL A 288 -22.61 -7.92 -12.12
C VAL A 288 -22.80 -8.82 -10.88
N PRO A 289 -22.47 -8.30 -9.69
CA PRO A 289 -22.59 -9.14 -8.51
C PRO A 289 -24.00 -9.57 -8.13
N THR A 290 -24.08 -10.73 -7.49
CA THR A 290 -25.39 -11.22 -7.10
C THR A 290 -25.40 -11.35 -5.57
N ALA A 291 -26.53 -10.97 -4.97
CA ALA A 291 -26.71 -11.00 -3.52
C ALA A 291 -27.65 -12.15 -3.14
N THR A 292 -27.25 -12.95 -2.15
CA THR A 292 -28.07 -14.06 -1.66
C THR A 292 -27.93 -14.10 -0.14
N TRP A 293 -28.80 -14.86 0.51
CA TRP A 293 -28.77 -15.02 1.96
C TRP A 293 -28.50 -16.48 2.33
N ASN A 294 -27.55 -16.72 3.23
CA ASN A 294 -27.26 -18.08 3.69
C ASN A 294 -27.69 -18.26 5.14
N MET A 295 -28.31 -19.41 5.43
CA MET A 295 -28.74 -19.69 6.80
C MET A 295 -27.54 -19.95 7.71
N VAL A 296 -27.49 -19.22 8.83
CA VAL A 296 -26.44 -19.38 9.83
C VAL A 296 -26.91 -20.30 10.95
N GLY A 297 -28.19 -20.17 11.32
CA GLY A 297 -28.74 -20.99 12.40
C GLY A 297 -30.19 -20.69 12.66
N CYS A 298 -30.90 -21.68 13.19
CA CYS A 298 -32.33 -21.55 13.46
C CYS A 298 -32.61 -22.05 14.88
N ASP A 299 -33.69 -21.55 15.46
CA ASP A 299 -34.19 -22.05 16.74
C ASP A 299 -35.70 -21.92 16.72
N GLN A 300 -36.40 -23.03 16.87
CA GLN A 300 -37.87 -22.99 16.87
C GLN A 300 -38.46 -22.69 18.24
N ASN A 301 -37.59 -22.69 19.23
CA ASN A 301 -38.02 -22.45 20.60
C ASN A 301 -37.19 -21.40 21.33
N GLY A 302 -36.87 -20.31 20.62
CA GLY A 302 -36.23 -19.14 21.19
C GLY A 302 -35.32 -18.40 20.20
N LYS A 303 -34.42 -17.60 20.76
CA LYS A 303 -33.49 -16.78 19.98
C LYS A 303 -32.34 -17.60 19.43
N VAL A 304 -31.68 -17.10 18.38
CA VAL A 304 -30.48 -17.77 17.88
C VAL A 304 -29.26 -16.84 18.00
N SER A 305 -28.16 -17.42 18.45
CA SER A 305 -26.92 -16.69 18.68
C SER A 305 -25.82 -17.38 17.92
N GLN A 306 -25.05 -16.63 17.15
CA GLN A 306 -24.01 -17.22 16.33
C GLN A 306 -22.79 -16.33 16.23
N GLN A 307 -21.67 -16.93 15.87
CA GLN A 307 -20.49 -16.15 15.52
C GLN A 307 -20.66 -15.74 14.08
N ILE A 308 -20.37 -14.48 13.80
CA ILE A 308 -20.58 -13.92 12.49
C ILE A 308 -19.27 -13.26 12.15
N SER A 309 -18.65 -13.73 11.07
CA SER A 309 -17.38 -13.20 10.60
C SER A 309 -17.51 -12.58 9.22
N ASN A 310 -16.66 -11.60 8.95
CA ASN A 310 -16.45 -11.11 7.60
C ASN A 310 -15.44 -12.03 6.90
N THR A 311 -15.88 -12.74 5.86
CA THR A 311 -14.95 -13.59 5.10
C THR A 311 -14.99 -13.26 3.61
N ILE A 312 -13.84 -13.45 2.94
CA ILE A 312 -13.74 -13.24 1.49
C ILE A 312 -13.00 -14.45 0.94
N SER A 313 -13.55 -15.06 -0.10
CA SER A 313 -12.78 -16.09 -0.80
C SER A 313 -12.47 -15.61 -2.21
N PHE A 314 -11.24 -15.88 -2.65
CA PHE A 314 -10.80 -15.57 -4.00
C PHE A 314 -9.56 -16.39 -4.37
N SER A 315 -9.19 -16.36 -5.63
CA SER A 315 -8.08 -17.13 -6.19
C SER A 315 -6.71 -16.62 -5.76
N SER A 316 -6.67 -15.36 -5.34
CA SER A 316 -5.45 -14.73 -4.86
C SER A 316 -5.80 -13.68 -3.81
N THR A 317 -4.76 -13.02 -3.31
CA THR A 317 -4.91 -12.00 -2.30
C THR A 317 -5.72 -10.84 -2.88
N VAL A 318 -6.70 -10.40 -2.10
CA VAL A 318 -7.49 -9.25 -2.50
C VAL A 318 -6.63 -8.04 -2.21
N THR A 319 -5.90 -7.62 -3.24
CA THR A 319 -5.00 -6.48 -3.18
C THR A 319 -5.81 -5.18 -3.09
N ALA A 320 -5.16 -4.07 -2.75
CA ALA A 320 -5.82 -2.77 -2.72
C ALA A 320 -6.43 -2.46 -4.09
N GLY A 321 -5.73 -2.90 -5.13
CA GLY A 321 -6.17 -2.80 -6.55
C GLY A 321 -7.40 -3.63 -6.88
N VAL A 322 -7.38 -4.91 -6.52
CA VAL A 322 -8.59 -5.75 -6.62
C VAL A 322 -9.76 -5.19 -5.79
N ALA A 323 -9.49 -4.73 -4.58
CA ALA A 323 -10.56 -4.22 -3.71
C ALA A 323 -11.30 -2.99 -4.30
N VAL A 324 -10.56 -2.04 -4.86
CA VAL A 324 -11.22 -0.88 -5.49
C VAL A 324 -11.97 -1.27 -6.77
N GLU A 325 -11.46 -2.27 -7.51
CA GLU A 325 -12.21 -2.78 -8.67
C GLU A 325 -13.55 -3.39 -8.26
N VAL A 326 -13.52 -4.21 -7.21
CA VAL A 326 -14.75 -4.82 -6.75
C VAL A 326 -15.71 -3.76 -6.20
N SER A 327 -15.20 -2.81 -5.43
CA SER A 327 -16.04 -1.75 -4.89
C SER A 327 -16.75 -1.02 -6.03
N SER A 328 -15.99 -0.69 -7.05
CA SER A 328 -16.51 0.03 -8.22
C SER A 328 -17.56 -0.79 -8.96
N THR A 329 -17.28 -2.08 -9.16
CA THR A 329 -18.22 -3.02 -9.77
C THR A 329 -19.54 -3.13 -9.00
N ILE A 330 -19.42 -3.30 -7.69
CA ILE A 330 -20.62 -3.37 -6.83
C ILE A 330 -21.47 -2.12 -6.99
N GLU A 331 -20.86 -0.95 -6.89
CA GLU A 331 -21.65 0.28 -6.91
C GLU A 331 -22.41 0.45 -8.23
N LYS A 332 -21.86 -0.13 -9.31
CA LYS A 332 -22.43 0.05 -10.63
C LYS A 332 -23.78 -0.64 -10.72
N GLY A 333 -23.95 -1.73 -9.98
CA GLY A 333 -25.20 -2.51 -10.07
C GLY A 333 -25.03 -3.88 -9.47
N VAL A 334 -26.08 -4.35 -8.80
CA VAL A 334 -26.11 -5.63 -8.11
C VAL A 334 -27.49 -6.23 -8.40
N ILE A 335 -27.55 -7.55 -8.47
CA ILE A 335 -28.79 -8.27 -8.71
C ILE A 335 -29.18 -9.00 -7.46
N PHE A 336 -30.44 -8.85 -7.07
CA PHE A 336 -31.06 -9.61 -6.01
C PHE A 336 -32.36 -10.24 -6.52
N ALA A 337 -32.49 -11.56 -6.38
CA ALA A 337 -33.69 -12.29 -6.87
C ALA A 337 -34.01 -11.84 -8.28
N LYS A 338 -33.00 -11.84 -9.13
CA LYS A 338 -33.07 -11.43 -10.53
C LYS A 338 -33.63 -10.02 -10.80
N ALA A 339 -33.57 -9.13 -9.82
CA ALA A 339 -33.95 -7.73 -10.02
C ALA A 339 -32.77 -6.86 -9.65
N THR A 340 -32.67 -5.69 -10.28
CA THR A 340 -31.69 -4.70 -9.83
C THR A 340 -32.10 -4.16 -8.47
N VAL A 341 -31.16 -3.52 -7.78
CA VAL A 341 -31.46 -2.85 -6.53
C VAL A 341 -31.30 -1.36 -6.71
N SER A 342 -31.77 -0.59 -5.73
CA SER A 342 -31.82 0.86 -5.82
C SER A 342 -30.43 1.43 -5.66
N VAL A 343 -30.27 2.69 -6.04
CA VAL A 343 -28.99 3.36 -5.94
C VAL A 343 -28.43 3.32 -4.52
N LYS A 344 -29.27 3.52 -3.50
CA LYS A 344 -28.73 3.48 -2.14
C LYS A 344 -28.23 2.10 -1.70
N VAL A 345 -28.86 1.02 -2.16
CA VAL A 345 -28.34 -0.33 -1.92
C VAL A 345 -26.96 -0.56 -2.51
N THR A 346 -26.74 -0.21 -3.78
CA THR A 346 -25.42 -0.41 -4.36
C THR A 346 -24.38 0.54 -3.76
N ALA A 347 -24.77 1.78 -3.47
CA ALA A 347 -23.80 2.71 -2.88
C ALA A 347 -23.40 2.18 -1.49
N SER A 348 -24.39 1.78 -0.71
CA SER A 348 -24.12 1.32 0.67
C SER A 348 -23.29 0.05 0.69
N LEU A 349 -23.66 -0.91 -0.16
CA LEU A 349 -22.91 -2.17 -0.31
C LEU A 349 -21.44 -1.95 -0.70
N SER A 350 -21.18 -1.03 -1.62
CA SER A 350 -19.80 -0.75 -2.00
C SER A 350 -19.01 -0.09 -0.84
N LYS A 351 -19.67 0.73 -0.03
CA LYS A 351 -19.04 1.38 1.14
C LYS A 351 -18.73 0.35 2.24
N ALA A 352 -19.68 -0.55 2.48
CA ALA A 352 -19.48 -1.73 3.35
C ALA A 352 -18.29 -2.59 2.91
N TRP A 353 -18.19 -2.86 1.60
CA TRP A 353 -17.06 -3.61 1.05
C TRP A 353 -15.74 -2.92 1.36
N THR A 354 -15.64 -1.66 0.99
CA THR A 354 -14.44 -0.89 1.28
C THR A 354 -14.05 -0.89 2.77
N ASN A 355 -15.04 -0.68 3.63
CA ASN A 355 -14.76 -0.59 5.06
C ASN A 355 -14.38 -1.95 5.66
N SER A 356 -14.80 -3.03 4.98
CA SER A 356 -14.51 -4.41 5.35
C SER A 356 -13.05 -4.86 5.15
N GLN A 357 -12.25 -4.06 4.47
CA GLN A 357 -10.96 -4.54 3.96
C GLN A 357 -9.87 -4.74 5.01
N SER A 358 -9.77 -3.82 5.98
CA SER A 358 -8.93 -4.06 7.16
C SER A 358 -9.86 -4.38 8.31
N GLY A 359 -9.69 -5.57 8.87
CA GLY A 359 -10.64 -6.23 9.79
C GLY A 359 -11.55 -5.38 10.67
N THR A 360 -12.69 -5.91 11.15
CA THR A 360 -13.16 -7.31 11.13
C THR A 360 -12.25 -8.39 11.80
N THR A 361 -12.60 -8.94 12.96
CA THR A 361 -13.70 -8.58 13.89
C THR A 361 -14.88 -9.55 14.00
N ALA A 362 -14.60 -10.84 14.22
CA ALA A 362 -15.68 -11.82 14.49
C ALA A 362 -16.51 -11.39 15.70
N ILE A 363 -17.82 -11.50 15.57
CA ILE A 363 -18.73 -11.03 16.61
C ILE A 363 -19.71 -12.11 17.02
N THR A 364 -20.17 -12.04 18.27
CA THR A 364 -21.24 -12.91 18.73
C THR A 364 -22.52 -12.11 18.62
N TYR A 365 -23.40 -12.52 17.72
CA TYR A 365 -24.60 -11.75 17.48
C TYR A 365 -25.85 -12.56 17.82
N THR A 366 -26.83 -11.91 18.43
CA THR A 366 -28.06 -12.58 18.82
C THR A 366 -29.27 -11.94 18.15
N CYS A 367 -30.16 -12.78 17.63
CA CYS A 367 -31.42 -12.32 17.08
C CYS A 367 -32.42 -12.02 18.18
N ASP A 368 -32.44 -10.77 18.63
CA ASP A 368 -33.38 -10.29 19.66
C ASP A 368 -34.71 -9.85 19.08
N ASN A 369 -34.67 -9.29 17.86
CA ASN A 369 -35.89 -8.92 17.14
C ASN A 369 -35.87 -9.44 15.71
N TYR A 370 -37.06 -9.63 15.14
CA TYR A 370 -37.13 -9.81 13.71
C TYR A 370 -36.66 -8.54 13.04
N ASP A 371 -36.06 -8.67 11.86
CA ASP A 371 -35.70 -7.51 11.03
C ASP A 371 -36.90 -6.55 10.90
N SER A 372 -38.12 -7.09 10.93
CA SER A 372 -39.33 -6.25 10.84
C SER A 372 -39.72 -5.53 12.14
N ASP A 373 -38.97 -5.78 13.24
CA ASP A 373 -39.07 -5.06 14.53
C ASP A 373 -39.67 -5.82 15.72
N GLU A 374 -40.54 -6.79 15.46
CA GLU A 374 -41.19 -7.55 16.53
C GLU A 374 -40.19 -8.45 17.26
N GLU A 375 -40.50 -8.85 18.49
CA GLU A 375 -39.55 -9.59 19.31
C GLU A 375 -39.33 -10.98 18.73
N PHE A 376 -38.08 -11.42 18.71
CA PHE A 376 -37.71 -12.69 18.07
C PHE A 376 -37.98 -13.81 19.06
N THR A 377 -38.93 -14.70 18.75
CA THR A 377 -39.30 -15.83 19.62
C THR A 377 -39.00 -17.18 18.98
N ARG A 378 -38.62 -17.14 17.69
CA ARG A 378 -38.28 -18.33 16.90
C ARG A 378 -37.92 -17.91 15.48
N GLY A 379 -37.10 -18.73 14.81
CA GLY A 379 -36.86 -18.57 13.37
C GLY A 379 -35.40 -18.78 13.03
N CYS A 380 -34.93 -18.09 11.99
CA CYS A 380 -33.57 -18.25 11.47
C CYS A 380 -32.80 -16.95 11.35
N MET A 381 -31.48 -17.07 11.44
CA MET A 381 -30.54 -15.98 11.22
C MET A 381 -29.87 -16.23 9.89
N TRP A 382 -29.80 -15.17 9.08
CA TRP A 382 -29.33 -15.28 7.69
C TRP A 382 -28.19 -14.30 7.47
N GLN A 383 -27.13 -14.75 6.80
CA GLN A 383 -25.98 -13.90 6.47
C GLN A 383 -25.87 -13.66 4.98
N LEU A 384 -25.58 -12.42 4.62
CA LEU A 384 -25.43 -12.02 3.22
C LEU A 384 -24.24 -12.73 2.57
N ALA A 385 -24.37 -13.03 1.29
CA ALA A 385 -23.25 -13.45 0.45
C ALA A 385 -23.35 -12.60 -0.81
N ILE A 386 -22.21 -12.07 -1.25
CA ILE A 386 -22.13 -11.34 -2.52
C ILE A 386 -21.16 -12.11 -3.40
N GLU A 387 -21.55 -12.38 -4.63
CA GLU A 387 -20.74 -13.15 -5.54
C GLU A 387 -20.51 -12.39 -6.83
N THR A 388 -19.28 -12.48 -7.34
CA THR A 388 -18.91 -11.94 -8.65
C THR A 388 -17.71 -12.73 -9.21
N THR A 389 -17.51 -12.61 -10.52
CA THR A 389 -16.44 -13.30 -11.25
C THR A 389 -15.61 -12.28 -12.02
N GLU A 390 -14.30 -12.38 -11.90
CA GLU A 390 -13.37 -11.61 -12.73
C GLU A 390 -13.35 -12.27 -14.09
N VAL A 391 -13.80 -11.55 -15.11
CA VAL A 391 -14.07 -12.17 -16.41
C VAL A 391 -12.79 -12.68 -17.08
N LYS A 392 -11.70 -11.92 -16.99
CA LYS A 392 -10.45 -12.33 -17.65
C LYS A 392 -9.96 -13.72 -17.21
N SER A 393 -10.11 -14.02 -15.92
CA SER A 393 -9.63 -15.27 -15.35
C SER A 393 -10.70 -16.34 -15.15
N GLY A 394 -11.97 -15.92 -15.02
CA GLY A 394 -13.04 -16.83 -14.64
C GLY A 394 -13.07 -17.13 -13.14
N ASP A 395 -12.27 -16.40 -12.37
CA ASP A 395 -12.16 -16.63 -10.95
C ASP A 395 -13.29 -15.95 -10.16
N LEU A 396 -14.02 -16.79 -9.42
CA LEU A 396 -15.14 -16.36 -8.58
C LEU A 396 -14.63 -15.74 -7.28
N LEU A 397 -15.22 -14.60 -6.91
CA LEU A 397 -15.00 -14.00 -5.61
C LEU A 397 -16.29 -14.10 -4.83
N VAL A 398 -16.20 -14.49 -3.56
CA VAL A 398 -17.38 -14.53 -2.69
C VAL A 398 -17.08 -13.73 -1.46
N TRP A 399 -17.97 -12.80 -1.13
CA TRP A 399 -17.82 -11.99 0.08
C TRP A 399 -19.01 -12.30 1.03
N ASN A 400 -18.71 -12.62 2.29
CA ASN A 400 -19.76 -12.79 3.32
C ASN A 400 -19.50 -11.74 4.39
N PRO A 401 -20.10 -10.55 4.24
CA PRO A 401 -19.97 -9.50 5.25
C PRO A 401 -20.74 -9.80 6.53
N GLN A 402 -20.47 -9.02 7.57
CA GLN A 402 -21.20 -9.09 8.83
C GLN A 402 -22.59 -8.41 8.74
N ILE A 403 -23.38 -8.88 7.78
CA ILE A 403 -24.71 -8.38 7.46
C ILE A 403 -25.70 -9.54 7.53
N VAL A 404 -26.69 -9.36 8.39
CA VAL A 404 -27.51 -10.43 8.90
C VAL A 404 -28.95 -9.99 8.81
N LYS A 405 -29.85 -10.91 8.44
CA LYS A 405 -31.27 -10.69 8.72
C LYS A 405 -31.79 -11.76 9.65
N CYS A 406 -32.52 -11.34 10.69
CA CYS A 406 -33.28 -12.27 11.55
C CYS A 406 -34.74 -12.36 11.08
N THR A 407 -35.22 -13.56 10.76
CA THR A 407 -36.61 -13.73 10.32
C THR A 407 -37.26 -14.95 10.99
N ARG A 408 -38.56 -15.12 10.78
CA ARG A 408 -39.32 -16.19 11.43
C ARG A 408 -39.35 -17.43 10.57
N SER A 409 -38.76 -17.30 9.39
CA SER A 409 -38.93 -18.31 8.38
C SER A 409 -37.64 -19.06 8.06
N ASN A 410 -37.77 -20.33 7.70
CA ASN A 410 -36.68 -21.14 7.12
C ASN A 410 -36.45 -20.84 5.65
N THR A 411 -37.35 -20.05 5.05
CA THR A 411 -37.16 -19.53 3.70
C THR A 411 -36.29 -18.28 3.72
N ALA A 412 -35.33 -18.16 2.79
CA ALA A 412 -34.45 -16.99 2.75
C ALA A 412 -35.26 -15.68 2.70
N PRO A 413 -34.77 -14.60 3.37
CA PRO A 413 -35.39 -13.27 3.28
C PRO A 413 -35.67 -12.87 1.82
N GLY A 414 -36.83 -12.27 1.58
CA GLY A 414 -37.22 -11.86 0.23
C GLY A 414 -36.75 -10.46 -0.11
N CYS A 415 -35.84 -9.91 0.71
CA CYS A 415 -35.46 -8.50 0.64
C CYS A 415 -33.97 -8.38 0.42
N ALA A 416 -33.58 -7.41 -0.40
CA ALA A 416 -32.16 -7.13 -0.64
C ALA A 416 -31.53 -6.65 0.65
N PRO A 417 -30.19 -6.75 0.78
CA PRO A 417 -29.52 -6.08 1.87
C PRO A 417 -29.75 -4.57 1.72
N PHE A 418 -29.70 -3.81 2.82
CA PHE A 418 -29.97 -2.37 2.86
C PHE A 418 -31.45 -2.00 2.57
N THR A 419 -32.33 -2.98 2.71
CA THR A 419 -33.78 -2.78 2.67
C THR A 419 -34.30 -3.53 3.90
N LYS A 420 -35.53 -3.21 4.30
CA LYS A 420 -36.10 -3.70 5.56
C LYS A 420 -37.20 -4.73 5.33
N CYS A 421 -37.10 -5.87 5.99
CA CYS A 421 -38.18 -6.85 5.98
C CYS A 421 -39.45 -6.16 6.49
N ALA A 422 -40.54 -6.28 5.76
CA ALA A 422 -41.79 -5.62 6.15
C ALA A 422 -42.58 -6.44 7.13
N ASN A 423 -42.33 -7.74 7.16
CA ASN A 423 -43.03 -8.65 8.06
C ASN A 423 -42.06 -9.71 8.67
N GLU A 424 -42.55 -10.47 9.65
CA GLU A 424 -41.67 -11.40 10.39
C GLU A 424 -41.00 -12.44 9.52
N ASP A 425 -41.77 -13.03 8.60
CA ASP A 425 -41.26 -13.99 7.62
C ASP A 425 -40.45 -13.38 6.49
N CYS A 426 -40.42 -12.04 6.44
CA CYS A 426 -39.73 -11.24 5.43
C CYS A 426 -40.08 -11.61 4.00
N THR A 427 -41.35 -11.48 3.65
CA THR A 427 -41.78 -11.86 2.31
C THR A 427 -41.90 -10.64 1.41
N PHE A 428 -41.96 -9.46 2.00
CA PHE A 428 -41.88 -8.21 1.22
C PHE A 428 -41.11 -7.16 1.99
N CYS A 429 -40.88 -6.00 1.36
CA CYS A 429 -39.86 -5.06 1.89
C CYS A 429 -40.31 -3.62 1.91
N THR A 430 -39.67 -2.84 2.78
CA THR A 430 -39.83 -1.40 2.83
C THR A 430 -38.43 -0.78 2.80
N ASP A 431 -38.37 0.55 2.73
CA ASP A 431 -37.09 1.26 2.68
C ASP A 431 -36.20 0.71 1.58
N ILE A 432 -36.71 0.66 0.37
CA ILE A 432 -35.94 0.00 -0.68
C ILE A 432 -34.94 0.91 -1.38
N VAL B 2 11.83 13.94 -0.82
CA VAL B 2 10.99 13.06 -1.69
C VAL B 2 11.40 11.60 -1.50
N LEU B 3 12.55 11.24 -2.06
CA LEU B 3 13.17 9.97 -1.75
C LEU B 3 14.25 10.20 -0.72
N CYS B 4 14.66 9.14 -0.02
CA CYS B 4 15.74 9.27 0.94
C CYS B 4 17.08 9.49 0.22
N THR B 5 17.66 10.69 0.34
CA THR B 5 18.95 10.96 -0.31
C THR B 5 20.15 10.56 0.55
N ASN B 6 19.90 10.35 1.83
CA ASN B 6 20.95 9.92 2.74
C ASN B 6 20.67 8.55 3.43
N PRO B 7 20.53 7.48 2.64
CA PRO B 7 20.26 6.17 3.21
C PRO B 7 21.46 5.69 4.04
N LEU B 8 21.15 4.98 5.13
CA LEU B 8 22.16 4.42 6.02
C LEU B 8 22.40 2.93 5.77
N ASP B 9 21.40 2.26 5.23
CA ASP B 9 21.44 0.81 5.09
C ASP B 9 20.27 0.33 4.29
N ILE B 10 20.52 -0.60 3.39
CA ILE B 10 19.48 -1.19 2.58
C ILE B 10 19.55 -2.69 2.66
N GLY B 11 18.47 -3.33 3.07
CA GLY B 11 18.42 -4.80 3.08
C GLY B 11 17.19 -5.33 3.77
N GLU B 12 17.11 -6.65 3.92
CA GLU B 12 16.02 -7.25 4.69
C GLU B 12 16.11 -6.81 6.16
N LEU B 13 14.99 -6.36 6.72
CA LEU B 13 14.91 -6.12 8.17
C LEU B 13 14.28 -7.35 8.77
N ARG B 14 15.01 -7.99 9.68
CA ARG B 14 14.56 -9.26 10.24
C ARG B 14 14.37 -9.19 11.76
N SER B 15 13.46 -10.03 12.25
CA SER B 15 13.28 -10.19 13.68
C SER B 15 14.46 -10.96 14.28
N PHE B 16 15.07 -10.40 15.30
CA PHE B 16 16.11 -11.10 16.06
C PHE B 16 15.57 -12.39 16.65
N LYS B 17 14.29 -12.35 17.02
CA LYS B 17 13.60 -13.49 17.63
C LYS B 17 13.24 -14.62 16.63
N SER B 18 12.43 -14.33 15.60
CA SER B 18 11.97 -15.39 14.70
C SER B 18 12.81 -15.49 13.43
N LYS B 19 13.60 -14.45 13.15
CA LYS B 19 14.41 -14.36 11.93
C LYS B 19 13.56 -14.13 10.67
N GLN B 20 12.25 -13.91 10.86
CA GLN B 20 11.36 -13.59 9.75
C GLN B 20 11.58 -12.15 9.31
N CYS B 21 11.28 -11.88 8.04
CA CYS B 21 11.34 -10.54 7.48
C CYS B 21 10.19 -9.64 7.90
N VAL B 22 10.52 -8.37 8.17
CA VAL B 22 9.53 -7.32 8.29
C VAL B 22 8.95 -7.04 6.91
N ASP B 23 7.66 -7.37 6.75
CA ASP B 23 7.02 -7.37 5.44
C ASP B 23 5.88 -6.36 5.27
N ILE B 24 5.85 -5.69 4.13
CA ILE B 24 4.68 -4.89 3.69
C ILE B 24 3.80 -5.75 2.77
N VAL B 25 2.49 -5.73 3.02
CA VAL B 25 1.53 -6.55 2.26
C VAL B 25 1.66 -6.28 0.75
N GLY B 26 1.45 -7.33 -0.05
CA GLY B 26 1.56 -7.24 -1.51
C GLY B 26 3.01 -7.16 -1.95
N ASN B 27 3.25 -6.58 -3.11
CA ASN B 27 4.61 -6.31 -3.55
C ASN B 27 4.84 -4.86 -3.93
N GLN B 28 3.97 -3.96 -3.46
CA GLN B 28 4.01 -2.57 -3.92
C GLN B 28 4.65 -1.56 -2.97
N GLY B 29 4.95 -1.96 -1.75
CA GLY B 29 5.60 -1.05 -0.78
C GLY B 29 4.63 -0.19 -0.01
N SER B 30 3.36 -0.56 -0.04
CA SER B 30 2.29 0.14 0.68
C SER B 30 1.30 -0.87 1.24
N GLY B 31 0.75 -0.56 2.41
CA GLY B 31 -0.13 -1.48 3.11
C GLY B 31 0.37 -1.77 4.50
N ASN B 32 -0.23 -2.77 5.13
CA ASN B 32 0.08 -3.13 6.49
C ASN B 32 1.45 -3.78 6.59
N ILE B 33 2.15 -3.52 7.70
CA ILE B 33 3.43 -4.17 8.01
C ILE B 33 3.24 -5.25 9.10
N ALA B 34 3.71 -6.46 8.79
CA ALA B 34 3.76 -7.57 9.73
C ALA B 34 4.89 -8.52 9.30
N THR B 35 5.22 -9.50 10.12
CA THR B 35 6.25 -10.47 9.73
C THR B 35 5.76 -11.36 8.59
N TYR B 36 6.70 -12.00 7.92
CA TYR B 36 6.41 -12.86 6.79
C TYR B 36 7.71 -13.54 6.44
N ASP B 37 7.62 -14.60 5.65
CA ASP B 37 8.78 -15.25 5.09
C ASP B 37 9.51 -14.25 4.20
N CYS B 38 10.82 -14.40 4.10
CA CYS B 38 11.61 -13.55 3.23
C CYS B 38 11.46 -14.06 1.81
N ASP B 39 10.96 -13.20 0.94
CA ASP B 39 10.61 -13.61 -0.42
C ASP B 39 11.47 -13.01 -1.53
N GLY B 40 12.38 -12.10 -1.19
CA GLY B 40 13.32 -11.56 -2.18
C GLY B 40 12.77 -10.41 -3.03
N LEU B 41 11.57 -9.94 -2.72
CA LEU B 41 10.99 -8.85 -3.51
C LEU B 41 11.46 -7.52 -2.96
N SER B 42 11.43 -6.47 -3.79
CA SER B 42 12.01 -5.16 -3.43
C SER B 42 11.32 -4.41 -2.29
N ASP B 43 10.09 -4.79 -1.95
CA ASP B 43 9.41 -4.16 -0.82
C ASP B 43 9.93 -4.65 0.53
N GLN B 44 10.59 -5.81 0.53
CA GLN B 44 11.26 -6.31 1.71
C GLN B 44 12.71 -5.80 1.83
N GLN B 45 13.15 -5.06 0.82
CA GLN B 45 14.41 -4.31 0.88
C GLN B 45 14.12 -3.00 1.58
N ILE B 46 14.35 -3.00 2.89
CA ILE B 46 14.08 -1.83 3.72
C ILE B 46 15.21 -0.82 3.63
N ILE B 47 14.84 0.45 3.56
CA ILE B 47 15.82 1.52 3.52
C ILE B 47 15.80 2.20 4.88
N ILE B 48 16.91 2.08 5.61
CA ILE B 48 17.08 2.83 6.85
C ILE B 48 17.58 4.20 6.42
N CYS B 49 16.73 5.22 6.54
CA CYS B 49 17.11 6.54 6.07
C CYS B 49 17.82 7.35 7.13
N GLY B 50 18.84 8.09 6.71
CA GLY B 50 19.55 8.99 7.60
C GLY B 50 18.67 10.07 8.21
N ASP B 51 17.56 10.39 7.55
CA ASP B 51 16.60 11.40 8.06
C ASP B 51 15.64 10.83 9.13
N GLY B 52 15.87 9.59 9.53
CA GLY B 52 15.07 8.93 10.57
C GLY B 52 13.91 8.11 10.04
N THR B 53 13.51 8.38 8.81
CA THR B 53 12.44 7.61 8.19
C THR B 53 12.93 6.19 7.88
N ILE B 54 11.98 5.26 7.75
CA ILE B 54 12.28 3.93 7.29
C ILE B 54 11.38 3.70 6.08
N ARG B 55 12.02 3.47 4.92
CA ARG B 55 11.30 3.32 3.67
C ARG B 55 11.58 1.95 3.05
N ASN B 56 11.29 1.80 1.76
CA ASN B 56 11.58 0.57 1.05
C ASN B 56 11.86 0.81 -0.44
N GLU B 57 12.40 -0.20 -1.09
CA GLU B 57 12.81 -0.11 -2.48
C GLU B 57 11.68 -0.28 -3.49
N ALA B 58 10.52 -0.76 -3.04
CA ALA B 58 9.36 -0.92 -3.94
C ALA B 58 8.62 0.38 -4.13
N ARG B 59 8.38 1.08 -3.04
CA ARG B 59 7.65 2.31 -3.11
C ARG B 59 8.19 3.28 -2.11
N ASN B 60 8.29 4.53 -2.52
CA ASN B 60 8.75 5.59 -1.66
C ASN B 60 7.69 5.96 -0.61
N TYR B 61 7.47 5.04 0.32
CA TYR B 61 6.56 5.23 1.46
C TYR B 61 7.33 5.01 2.75
N CYS B 62 6.77 5.51 3.86
CA CYS B 62 7.43 5.52 5.15
C CYS B 62 6.78 4.56 6.17
N PHE B 63 7.57 4.03 7.10
CA PHE B 63 7.04 3.31 8.27
C PHE B 63 6.32 4.33 9.17
N THR B 64 5.04 4.09 9.42
CA THR B 64 4.14 5.07 10.04
C THR B 64 3.20 4.40 11.06
N PRO B 65 3.18 4.90 12.30
CA PRO B 65 2.18 4.46 13.26
C PRO B 65 0.85 5.14 12.95
N ASP B 66 -0.20 4.32 12.80
CA ASP B 66 -1.55 4.82 12.66
C ASP B 66 -2.12 5.12 14.04
N GLY B 67 -2.05 6.39 14.44
CA GLY B 67 -2.48 6.83 15.77
C GLY B 67 -1.37 6.75 16.82
N SER B 68 -1.52 7.55 17.88
CA SER B 68 -0.55 7.60 18.99
C SER B 68 -0.75 6.47 20.01
N GLY B 69 0.14 6.41 21.01
CA GLY B 69 0.14 5.32 21.97
C GLY B 69 0.47 4.01 21.29
N ASN B 70 0.05 2.89 21.88
CA ASN B 70 0.16 1.60 21.22
C ASN B 70 -0.71 1.60 19.98
N ALA B 71 -0.12 1.28 18.84
CA ALA B 71 -0.75 1.44 17.54
C ALA B 71 -0.22 0.47 16.50
N ASN B 72 -0.96 0.34 15.40
CA ASN B 72 -0.53 -0.48 14.27
C ASN B 72 0.42 0.33 13.38
N VAL B 73 1.44 -0.33 12.84
CA VAL B 73 2.39 0.33 11.93
C VAL B 73 2.15 -0.13 10.49
N MET B 74 2.06 0.83 9.58
CA MET B 74 1.91 0.50 8.17
C MET B 74 2.93 1.25 7.32
N SER B 75 2.99 0.88 6.04
CA SER B 75 3.74 1.64 5.08
C SER B 75 2.80 2.63 4.38
N SER B 76 2.94 3.91 4.71
CA SER B 76 2.04 4.95 4.21
C SER B 76 2.85 6.04 3.51
N PRO B 77 2.17 6.94 2.76
CA PRO B 77 2.87 8.08 2.18
C PRO B 77 3.75 8.80 3.20
N CYS B 78 4.89 9.28 2.75
CA CYS B 78 5.79 10.07 3.58
C CYS B 78 5.32 11.52 3.70
N THR B 79 5.19 11.98 4.94
CA THR B 79 4.69 13.31 5.23
C THR B 79 5.87 14.26 5.33
N LEU B 80 6.17 14.93 4.22
CA LEU B 80 7.36 15.79 4.10
C LEU B 80 7.16 17.23 4.54
N TYR B 81 5.90 17.63 4.76
CA TYR B 81 5.59 19.04 4.99
C TYR B 81 4.63 19.27 6.18
N PRO B 82 4.98 20.20 7.09
CA PRO B 82 6.11 21.16 7.08
C PRO B 82 7.47 20.46 7.04
N GLU B 83 7.69 19.59 8.02
CA GLU B 83 8.84 18.71 8.04
C GLU B 83 8.32 17.28 8.14
N ILE B 84 9.22 16.33 8.34
CA ILE B 84 8.83 14.97 8.70
C ILE B 84 8.50 14.96 10.20
N PRO B 85 7.28 14.52 10.55
CA PRO B 85 6.88 14.44 11.95
C PRO B 85 7.68 13.36 12.67
N SER B 86 8.06 13.64 13.92
CA SER B 86 8.78 12.66 14.74
C SER B 86 8.04 11.31 14.83
N SER B 87 6.77 11.29 14.46
CA SER B 87 5.99 10.06 14.41
C SER B 87 6.36 9.15 13.23
N GLN B 88 6.93 9.74 12.18
CA GLN B 88 7.46 8.97 11.04
C GLN B 88 8.97 8.77 11.12
N ARG B 89 9.55 9.15 12.25
CA ARG B 89 10.98 9.03 12.47
C ARG B 89 11.32 8.07 13.60
N TRP B 90 12.47 7.41 13.45
CA TRP B 90 12.85 6.27 14.27
C TRP B 90 14.33 6.33 14.58
N ARG B 91 14.72 5.80 15.73
CA ARG B 91 16.14 5.66 16.05
C ARG B 91 16.45 4.25 16.54
N GLN B 92 17.73 3.88 16.46
CA GLN B 92 18.21 2.64 17.05
C GLN B 92 18.32 2.81 18.55
N GLY B 93 17.84 1.82 19.31
CA GLY B 93 18.03 1.85 20.75
C GLY B 93 19.16 0.93 21.15
N ARG B 94 18.86 0.03 22.08
CA ARG B 94 19.85 -0.93 22.55
C ARG B 94 20.17 -1.97 21.47
N ARG B 95 21.32 -2.62 21.62
CA ARG B 95 21.80 -3.58 20.63
C ARG B 95 22.03 -4.99 21.18
N LYS B 96 21.77 -5.97 20.33
CA LYS B 96 22.11 -7.37 20.56
C LYS B 96 22.84 -7.88 19.34
N THR B 97 23.86 -8.69 19.56
CA THR B 97 24.60 -9.32 18.47
C THR B 97 24.31 -10.81 18.50
N PHE B 98 24.57 -11.48 17.39
CA PHE B 98 24.46 -12.92 17.29
C PHE B 98 25.09 -13.40 15.99
N THR B 99 25.40 -14.70 15.95
CA THR B 99 25.95 -15.33 14.77
C THR B 99 24.88 -16.25 14.21
N ASP B 100 24.39 -15.92 13.02
CA ASP B 100 23.35 -16.71 12.36
C ASP B 100 23.86 -18.09 11.90
N ASN B 101 22.98 -18.88 11.30
CA ASN B 101 23.37 -20.23 10.95
C ASN B 101 24.32 -20.27 9.77
N GLY B 102 24.40 -19.17 9.03
CA GLY B 102 25.38 -18.99 7.96
C GLY B 102 26.77 -18.57 8.41
N GLY B 103 26.96 -18.42 9.72
CA GLY B 103 28.23 -18.03 10.30
C GLY B 103 28.51 -16.54 10.22
N ILE B 104 27.46 -15.73 10.07
CA ILE B 104 27.63 -14.25 9.93
C ILE B 104 27.25 -13.52 11.22
N GLU B 105 28.09 -12.57 11.65
CA GLU B 105 27.73 -11.69 12.76
C GLU B 105 26.65 -10.70 12.33
N GLN B 106 25.57 -10.65 13.10
CA GLN B 106 24.47 -9.70 12.85
C GLN B 106 24.36 -8.74 14.03
N VAL B 107 23.90 -7.53 13.75
CA VAL B 107 23.57 -6.62 14.83
C VAL B 107 22.09 -6.33 14.80
N ALA B 108 21.41 -6.59 15.91
CA ALA B 108 20.02 -6.17 16.09
C ALA B 108 19.94 -5.04 17.09
N THR B 109 18.99 -4.13 16.84
CA THR B 109 18.72 -3.02 17.74
C THR B 109 17.22 -2.93 17.98
N GLU B 110 16.84 -2.24 19.06
CA GLU B 110 15.50 -1.69 19.19
C GLU B 110 15.33 -0.64 18.13
N ILE B 111 14.11 -0.48 17.66
CA ILE B 111 13.78 0.56 16.71
C ILE B 111 12.69 1.38 17.40
N ILE B 112 13.04 2.59 17.80
CA ILE B 112 12.22 3.39 18.72
C ILE B 112 11.66 4.61 18.02
N ASN B 113 10.32 4.72 18.04
CA ASN B 113 9.64 5.87 17.45
C ASN B 113 9.96 7.14 18.23
N LEU B 114 10.29 8.21 17.51
CA LEU B 114 10.73 9.45 18.12
C LEU B 114 9.60 10.24 18.79
N ALA B 115 8.37 10.11 18.29
CA ALA B 115 7.23 10.78 18.91
C ALA B 115 6.90 10.14 20.24
N SER B 116 6.60 8.84 20.22
CA SER B 116 6.05 8.13 21.37
C SER B 116 7.12 7.57 22.29
N GLY B 117 8.33 7.37 21.76
CA GLY B 117 9.38 6.67 22.48
C GLY B 117 9.06 5.18 22.61
N LYS B 118 8.06 4.73 21.87
CA LYS B 118 7.68 3.33 21.89
C LYS B 118 8.50 2.52 20.87
N CYS B 119 8.60 1.22 21.13
CA CYS B 119 9.40 0.30 20.32
C CYS B 119 8.59 -0.28 19.18
N LEU B 120 9.25 -0.41 18.02
CA LEU B 120 8.73 -1.29 16.99
C LEU B 120 8.57 -2.67 17.63
N ASP B 121 7.46 -3.33 17.33
CA ASP B 121 7.04 -4.49 18.10
C ASP B 121 6.26 -5.50 17.26
N ILE B 122 6.49 -6.78 17.51
CA ILE B 122 5.69 -7.85 16.90
C ILE B 122 4.66 -8.30 17.95
N GLU B 123 3.43 -8.63 17.52
CA GLU B 123 2.38 -9.08 18.45
C GLU B 123 2.90 -10.25 19.27
N GLY B 124 2.56 -10.27 20.56
CA GLY B 124 2.97 -11.39 21.42
C GLY B 124 4.48 -11.42 21.64
N SER B 125 5.04 -12.62 21.77
CA SER B 125 6.46 -12.78 22.16
C SER B 125 7.25 -13.75 21.28
N ASP B 126 6.56 -14.44 20.37
CA ASP B 126 7.19 -15.44 19.51
C ASP B 126 7.88 -14.86 18.25
N GLY B 127 7.77 -13.54 18.05
CA GLY B 127 8.41 -12.89 16.92
C GLY B 127 7.72 -13.07 15.56
N THR B 128 6.51 -13.63 15.58
CA THR B 128 5.68 -13.70 14.35
C THR B 128 4.33 -13.01 14.56
N GLY B 129 3.81 -12.42 13.49
CA GLY B 129 2.52 -11.75 13.53
C GLY B 129 2.61 -10.27 13.19
N ASP B 130 1.56 -9.54 13.54
CA ASP B 130 1.41 -8.13 13.20
C ASP B 130 2.44 -7.25 13.88
N ILE B 131 2.82 -6.18 13.19
CA ILE B 131 3.81 -5.24 13.69
C ILE B 131 3.18 -3.89 13.99
N GLY B 132 3.41 -3.42 15.21
CA GLY B 132 3.02 -2.09 15.64
C GLY B 132 4.04 -1.46 16.56
N VAL B 133 3.65 -0.41 17.26
CA VAL B 133 4.45 0.16 18.34
C VAL B 133 3.89 -0.21 19.70
N TYR B 134 4.76 -0.21 20.70
CA TYR B 134 4.40 -0.67 22.03
C TYR B 134 5.50 -0.28 23.00
N ASP B 135 5.18 -0.23 24.30
CA ASP B 135 6.18 0.02 25.34
C ASP B 135 7.37 -0.93 25.17
N CYS B 136 8.57 -0.38 25.27
CA CYS B 136 9.78 -1.18 25.13
C CYS B 136 9.91 -2.15 26.31
N GLN B 137 9.75 -3.44 26.02
CA GLN B 137 9.82 -4.49 27.05
C GLN B 137 11.12 -5.33 27.04
N ASN B 138 12.13 -4.83 26.34
CA ASN B 138 13.46 -5.48 26.16
C ASN B 138 13.54 -6.97 25.78
N LEU B 139 12.47 -7.53 25.24
CA LEU B 139 12.48 -8.91 24.78
C LEU B 139 12.99 -8.97 23.34
N ASP B 140 13.45 -10.15 22.94
CA ASP B 140 14.05 -10.42 21.62
C ASP B 140 13.21 -9.95 20.42
N ASP B 141 11.88 -10.04 20.53
CA ASP B 141 10.98 -9.71 19.41
C ASP B 141 10.81 -8.20 19.23
N GLN B 142 11.55 -7.44 20.01
CA GLN B 142 11.65 -5.99 19.85
C GLN B 142 13.01 -5.55 19.26
N TYR B 143 13.88 -6.52 18.94
CA TYR B 143 15.16 -6.26 18.28
C TYR B 143 15.10 -6.72 16.83
N PHE B 144 15.62 -5.87 15.95
CA PHE B 144 15.56 -6.12 14.52
C PHE B 144 16.92 -5.85 13.90
N TYR B 145 17.33 -6.72 12.97
CA TYR B 145 18.61 -6.52 12.27
C TYR B 145 18.43 -6.41 10.77
N VAL B 146 19.25 -5.56 10.17
CA VAL B 146 19.34 -5.58 8.72
C VAL B 146 20.29 -6.74 8.38
N ARG B 147 19.75 -7.70 7.64
CA ARG B 147 20.43 -8.96 7.36
C ARG B 147 21.68 -8.72 6.53
N SER B 148 22.79 -9.24 7.04
CA SER B 148 24.03 -9.30 6.28
C SER B 148 24.25 -10.71 5.75
N ARG B 149 24.69 -10.80 4.49
CA ARG B 149 25.11 -12.06 3.92
C ARG B 149 26.59 -12.31 4.15
N GLY B 150 27.25 -11.37 4.82
CA GLY B 150 28.70 -11.29 4.86
C GLY B 150 29.23 -10.81 3.53
N PRO B 151 30.57 -10.78 3.37
CA PRO B 151 31.18 -10.32 2.13
C PRO B 151 30.69 -11.13 0.94
N GLU B 152 30.55 -10.46 -0.21
CA GLU B 152 30.43 -11.16 -1.46
C GLU B 152 31.85 -11.63 -1.83
N LEU B 153 31.96 -12.93 -2.09
CA LEU B 153 33.25 -13.59 -2.21
C LEU B 153 33.66 -13.81 -3.66
N PHE B 154 32.70 -14.18 -4.49
CA PHE B 154 32.93 -14.49 -5.91
C PHE B 154 31.63 -14.27 -6.68
N TYR B 155 31.74 -14.05 -7.98
CA TYR B 155 30.59 -13.81 -8.83
C TYR B 155 30.93 -14.15 -10.28
N GLY B 156 29.89 -14.28 -11.09
CA GLY B 156 30.07 -14.55 -12.51
C GLY B 156 29.33 -15.79 -12.94
N ARG B 157 29.63 -16.24 -14.15
CA ARG B 157 29.22 -17.56 -14.62
C ARG B 157 30.10 -18.63 -14.00
N LEU B 158 29.58 -19.83 -13.88
CA LEU B 158 30.35 -20.96 -13.36
C LEU B 158 30.58 -21.99 -14.45
N ARG B 159 31.82 -22.06 -14.93
CA ARG B 159 32.20 -22.95 -16.03
C ARG B 159 32.79 -24.27 -15.51
N ASN B 160 32.21 -25.38 -15.94
CA ASN B 160 32.65 -26.72 -15.57
C ASN B 160 34.00 -27.10 -16.19
N GLU B 161 34.84 -27.79 -15.41
CA GLU B 161 36.21 -28.13 -15.87
C GLU B 161 36.19 -29.16 -17.00
N LYS B 162 35.30 -30.14 -16.91
CA LYS B 162 35.24 -31.22 -17.91
C LYS B 162 34.70 -30.72 -19.26
N SER B 163 33.49 -30.17 -19.25
CA SER B 163 32.75 -29.86 -20.48
C SER B 163 32.90 -28.43 -21.00
N ASP B 164 33.28 -27.52 -20.10
CA ASP B 164 33.35 -26.10 -20.44
C ASP B 164 31.99 -25.48 -20.77
N LEU B 165 30.93 -26.16 -20.34
CA LEU B 165 29.60 -25.60 -20.31
C LEU B 165 29.41 -24.79 -19.02
N CYS B 166 28.36 -23.98 -18.95
CA CYS B 166 28.13 -23.15 -17.79
C CYS B 166 26.96 -23.68 -16.98
N LEU B 167 27.00 -23.50 -15.66
CA LEU B 167 25.83 -23.73 -14.83
C LEU B 167 24.66 -22.89 -15.34
N ASP B 168 23.54 -23.54 -15.59
CA ASP B 168 22.44 -22.90 -16.27
C ASP B 168 21.11 -23.18 -15.57
N VAL B 169 20.15 -22.28 -15.78
CA VAL B 169 18.80 -22.48 -15.28
C VAL B 169 17.91 -22.63 -16.51
N GLU B 170 17.05 -23.63 -16.48
CA GLU B 170 16.12 -23.86 -17.59
C GLU B 170 15.39 -22.54 -17.92
N GLY B 171 15.27 -22.24 -19.22
CA GLY B 171 14.64 -21.00 -19.65
C GLY B 171 15.53 -19.80 -19.40
N SER B 172 14.92 -18.68 -19.05
CA SER B 172 15.70 -17.46 -18.84
C SER B 172 15.21 -16.63 -17.65
N ASP B 173 14.19 -17.10 -16.97
CA ASP B 173 13.70 -16.37 -15.80
C ASP B 173 14.50 -16.63 -14.51
N GLY B 174 15.46 -17.56 -14.57
CA GLY B 174 16.30 -17.89 -13.40
C GLY B 174 15.61 -18.71 -12.32
N LYS B 175 14.52 -19.38 -12.68
CA LYS B 175 13.74 -20.19 -11.75
C LYS B 175 13.69 -21.63 -12.26
N GLY B 176 13.67 -22.58 -11.34
CA GLY B 176 13.57 -23.98 -11.74
C GLY B 176 14.88 -24.75 -11.79
N ASN B 177 14.92 -25.76 -12.67
CA ASN B 177 16.05 -26.67 -12.74
C ASN B 177 17.37 -26.09 -13.18
N VAL B 178 18.42 -26.54 -12.49
CA VAL B 178 19.80 -26.24 -12.86
C VAL B 178 20.42 -27.42 -13.60
N LEU B 179 21.09 -27.11 -14.72
CA LEU B 179 21.69 -28.12 -15.58
C LEU B 179 22.88 -27.50 -16.30
N MET B 180 23.61 -28.29 -17.07
CA MET B 180 24.73 -27.73 -17.84
C MET B 180 24.25 -27.26 -19.20
N TYR B 181 24.74 -26.11 -19.63
CA TYR B 181 24.34 -25.55 -20.91
C TYR B 181 25.43 -24.69 -21.52
N SER B 182 25.32 -24.44 -22.82
CA SER B 182 26.15 -23.50 -23.51
C SER B 182 26.19 -22.17 -22.74
N CYS B 183 27.39 -21.61 -22.59
CA CYS B 183 27.57 -20.35 -21.88
C CYS B 183 26.93 -19.18 -22.60
N GLU B 184 26.08 -18.44 -21.88
CA GLU B 184 25.31 -17.35 -22.49
C GLU B 184 25.40 -16.03 -21.72
N ASP B 185 25.37 -14.93 -22.48
CA ASP B 185 25.40 -13.57 -21.93
C ASP B 185 24.00 -13.23 -21.40
N ASN B 186 23.49 -14.07 -20.50
CA ASN B 186 22.17 -13.93 -19.91
C ASN B 186 22.24 -13.98 -18.39
N LEU B 187 21.45 -13.15 -17.73
CA LEU B 187 21.50 -12.99 -16.27
C LEU B 187 21.23 -14.26 -15.47
N ASP B 188 20.53 -15.22 -16.07
CA ASP B 188 20.18 -16.45 -15.36
C ASP B 188 21.37 -17.40 -15.17
N GLN B 189 22.50 -17.08 -15.80
CA GLN B 189 23.71 -17.88 -15.64
C GLN B 189 24.70 -17.16 -14.72
N TRP B 190 24.32 -15.96 -14.26
CA TRP B 190 25.17 -15.16 -13.41
C TRP B 190 24.84 -15.44 -11.96
N PHE B 191 25.83 -15.86 -11.19
CA PHE B 191 25.63 -16.10 -9.75
C PHE B 191 26.53 -15.21 -8.89
N ARG B 192 26.11 -14.97 -7.65
CA ARG B 192 26.96 -14.30 -6.66
C ARG B 192 27.03 -15.15 -5.39
N TYR B 193 28.23 -15.33 -4.87
CA TYR B 193 28.53 -16.27 -3.79
C TYR B 193 29.03 -15.52 -2.57
N TYR B 194 28.38 -15.78 -1.43
CA TYR B 194 28.57 -14.98 -0.22
C TYR B 194 29.22 -15.80 0.89
N GLU B 195 29.79 -15.08 1.85
CA GLU B 195 30.41 -15.71 3.01
C GLU B 195 29.41 -16.60 3.77
N ASN B 196 28.12 -16.22 3.77
CA ASN B 196 27.11 -17.05 4.43
C ASN B 196 26.83 -18.40 3.72
N GLY B 197 27.45 -18.63 2.58
CA GLY B 197 27.30 -19.87 1.82
C GLY B 197 26.28 -19.85 0.67
N GLU B 198 25.44 -18.81 0.64
CA GLU B 198 24.41 -18.71 -0.42
C GLU B 198 25.06 -18.44 -1.77
N ILE B 199 24.56 -19.13 -2.79
CA ILE B 199 24.89 -18.80 -4.17
C ILE B 199 23.59 -18.34 -4.85
N VAL B 200 23.55 -17.06 -5.18
CA VAL B 200 22.32 -16.37 -5.57
C VAL B 200 22.34 -16.07 -7.05
N ASN B 201 21.25 -16.42 -7.71
CA ASN B 201 21.07 -16.19 -9.13
C ASN B 201 20.75 -14.73 -9.43
N ALA B 202 21.42 -14.15 -10.41
CA ALA B 202 21.28 -12.72 -10.72
C ALA B 202 19.91 -12.34 -11.31
N LYS B 203 19.29 -13.26 -12.06
CA LYS B 203 18.02 -12.98 -12.72
C LYS B 203 16.83 -13.00 -11.75
N SER B 204 16.73 -14.08 -10.98
CA SER B 204 15.57 -14.31 -10.12
C SER B 204 15.76 -13.83 -8.68
N GLY B 205 17.01 -13.61 -8.27
CA GLY B 205 17.30 -13.28 -6.89
C GLY B 205 17.07 -14.46 -5.94
N MET B 206 16.94 -15.65 -6.50
CA MET B 206 16.73 -16.87 -5.68
C MET B 206 18.01 -17.69 -5.56
N CYS B 207 17.95 -18.78 -4.79
CA CYS B 207 19.15 -19.50 -4.33
C CYS B 207 19.45 -20.86 -4.99
N LEU B 208 20.73 -21.15 -5.19
CA LEU B 208 21.16 -22.50 -5.56
C LEU B 208 20.77 -23.44 -4.41
N ASP B 209 19.96 -24.44 -4.73
CA ASP B 209 19.18 -25.17 -3.73
C ASP B 209 19.21 -26.64 -4.06
N VAL B 210 19.06 -27.48 -3.03
CA VAL B 210 18.88 -28.91 -3.23
C VAL B 210 17.45 -29.31 -2.90
N GLU B 211 16.90 -30.13 -3.77
CA GLU B 211 15.58 -30.69 -3.58
C GLU B 211 15.41 -31.24 -2.17
N GLY B 212 14.31 -30.86 -1.53
CA GLY B 212 14.05 -31.29 -0.16
C GLY B 212 14.86 -30.48 0.84
N SER B 213 15.47 -31.16 1.81
CA SER B 213 16.20 -30.52 2.89
C SER B 213 17.47 -31.27 3.30
N ASP B 214 17.62 -32.51 2.84
CA ASP B 214 18.75 -33.34 3.26
C ASP B 214 20.07 -33.04 2.54
N GLY B 215 19.98 -32.26 1.46
CA GLY B 215 21.16 -31.87 0.70
C GLY B 215 21.66 -32.90 -0.28
N SER B 216 20.90 -33.99 -0.44
CA SER B 216 21.19 -35.04 -1.43
C SER B 216 20.12 -35.08 -2.51
N GLY B 217 20.38 -34.52 -3.67
CA GLY B 217 19.37 -34.58 -4.73
C GLY B 217 19.61 -33.66 -5.89
N ASN B 218 18.52 -33.31 -6.58
CA ASN B 218 18.59 -32.47 -7.74
C ASN B 218 18.83 -31.04 -7.32
N VAL B 219 19.66 -30.34 -8.08
CA VAL B 219 19.89 -28.95 -7.82
C VAL B 219 19.04 -28.06 -8.73
N GLY B 220 18.56 -26.96 -8.16
CA GLY B 220 17.74 -26.00 -8.86
C GLY B 220 17.71 -24.70 -8.10
N ILE B 221 16.93 -23.75 -8.61
CA ILE B 221 16.81 -22.44 -8.02
C ILE B 221 15.47 -22.38 -7.31
N TYR B 222 15.51 -22.14 -6.00
CA TYR B 222 14.32 -22.09 -5.14
C TYR B 222 14.49 -20.89 -4.21
N ARG B 223 13.40 -20.45 -3.58
CA ARG B 223 13.45 -19.36 -2.60
C ARG B 223 14.57 -19.58 -1.58
N CYS B 224 15.32 -18.52 -1.33
CA CYS B 224 16.37 -18.50 -0.30
C CYS B 224 15.71 -18.66 1.08
N ASP B 225 16.02 -19.75 1.76
CA ASP B 225 15.30 -20.11 2.99
C ASP B 225 16.17 -20.19 4.26
N ASP B 226 17.41 -19.70 4.18
CA ASP B 226 18.38 -19.70 5.32
C ASP B 226 18.83 -21.09 5.76
N LEU B 227 18.38 -22.15 5.09
CA LEU B 227 18.66 -23.50 5.56
C LEU B 227 20.03 -23.97 5.07
N ARG B 228 20.54 -25.01 5.72
CA ARG B 228 21.89 -25.48 5.50
C ARG B 228 22.12 -26.17 4.13
N ASP B 229 21.04 -26.65 3.51
CA ASP B 229 21.15 -27.30 2.19
C ASP B 229 21.31 -26.29 1.05
N GLN B 230 21.15 -25.00 1.40
CA GLN B 230 21.43 -23.88 0.50
C GLN B 230 22.75 -23.13 0.84
N MET B 231 23.57 -23.73 1.71
CA MET B 231 24.89 -23.21 2.06
C MET B 231 25.95 -24.07 1.44
N TRP B 232 26.90 -23.40 0.79
CA TRP B 232 27.88 -24.05 -0.05
C TRP B 232 29.28 -23.61 0.38
N SER B 233 30.21 -24.56 0.45
CA SER B 233 31.60 -24.18 0.71
C SER B 233 32.49 -24.48 -0.49
N ARG B 234 33.60 -23.76 -0.59
CA ARG B 234 34.49 -23.89 -1.73
C ARG B 234 35.88 -24.17 -1.14
N PRO B 235 36.08 -25.36 -0.55
CA PRO B 235 37.35 -25.56 0.20
C PRO B 235 38.58 -25.58 -0.72
N ASN B 236 39.70 -25.02 -0.26
CA ASN B 236 40.95 -25.07 -1.04
C ASN B 236 41.34 -26.50 -1.46
N ALA B 237 41.09 -27.45 -0.56
CA ALA B 237 41.44 -28.87 -0.76
C ALA B 237 40.89 -29.45 -2.05
N TYR B 238 39.69 -29.02 -2.42
CA TYR B 238 39.05 -29.49 -3.63
C TYR B 238 39.27 -28.56 -4.82
N CYS B 239 40.08 -27.51 -4.66
CA CYS B 239 40.41 -26.59 -5.76
C CYS B 239 41.65 -26.99 -6.56
N ASN B 240 41.56 -26.80 -7.86
CA ASN B 240 42.61 -27.13 -8.81
C ASN B 240 42.83 -25.86 -9.62
N GLY B 241 43.75 -25.02 -9.19
CA GLY B 241 43.92 -23.67 -9.75
C GLY B 241 42.69 -22.85 -9.43
N ASP B 242 41.97 -22.44 -10.49
CA ASP B 242 40.74 -21.65 -10.38
C ASP B 242 39.45 -22.48 -10.49
N TYR B 243 39.60 -23.79 -10.68
CA TYR B 243 38.48 -24.71 -10.73
C TYR B 243 38.30 -25.42 -9.38
N CYS B 244 37.12 -25.23 -8.79
CA CYS B 244 36.87 -25.66 -7.43
C CYS B 244 35.57 -26.44 -7.32
N SER B 245 35.51 -27.35 -6.35
CA SER B 245 34.25 -27.99 -6.03
C SER B 245 33.45 -27.15 -5.02
N PHE B 246 32.11 -27.23 -5.10
CA PHE B 246 31.25 -26.65 -4.10
C PHE B 246 30.59 -27.75 -3.30
N LEU B 247 30.84 -27.76 -2.00
CA LEU B 247 30.26 -28.78 -1.11
C LEU B 247 29.03 -28.26 -0.41
N ASN B 248 27.97 -29.06 -0.39
CA ASN B 248 26.78 -28.71 0.35
C ASN B 248 27.04 -28.85 1.86
N LYS B 249 26.69 -27.84 2.63
CA LYS B 249 26.96 -27.90 4.08
C LYS B 249 26.03 -28.85 4.86
N GLU B 250 24.86 -29.18 4.31
CA GLU B 250 23.95 -30.11 4.96
C GLU B 250 24.41 -31.57 4.78
N SER B 251 24.81 -31.90 3.55
CA SER B 251 25.08 -33.27 3.14
C SER B 251 26.55 -33.56 2.91
N ASN B 252 27.38 -32.52 2.79
CA ASN B 252 28.82 -32.69 2.55
C ASN B 252 29.12 -33.30 1.17
N LYS B 253 28.12 -33.22 0.29
CA LYS B 253 28.21 -33.69 -1.07
C LYS B 253 28.58 -32.55 -2.03
N CYS B 254 29.26 -32.91 -3.12
CA CYS B 254 29.70 -31.96 -4.11
C CYS B 254 28.59 -31.61 -5.09
N LEU B 255 28.56 -30.36 -5.55
CA LEU B 255 27.80 -29.98 -6.73
C LEU B 255 28.31 -30.84 -7.88
N ASP B 256 27.39 -31.47 -8.62
CA ASP B 256 27.74 -32.60 -9.49
C ASP B 256 26.95 -32.57 -10.80
N VAL B 257 27.60 -32.94 -11.90
CA VAL B 257 26.88 -33.15 -13.15
C VAL B 257 26.72 -34.65 -13.34
N SER B 258 25.52 -35.10 -13.71
CA SER B 258 25.28 -36.51 -14.02
C SER B 258 26.36 -37.08 -14.93
N GLY B 259 26.79 -38.31 -14.64
CA GLY B 259 27.85 -38.97 -15.39
C GLY B 259 29.21 -38.38 -15.08
N ASP B 260 30.12 -38.47 -16.05
CA ASP B 260 31.46 -37.90 -15.90
C ASP B 260 31.83 -36.99 -17.08
N GLN B 261 30.86 -36.74 -17.95
CA GLN B 261 31.10 -35.92 -19.13
C GLN B 261 30.79 -34.42 -18.94
N GLY B 262 30.20 -34.07 -17.79
CA GLY B 262 29.89 -32.68 -17.46
C GLY B 262 28.93 -32.00 -18.42
N THR B 263 28.00 -32.77 -19.01
CA THR B 263 27.06 -32.23 -19.99
C THR B 263 25.60 -32.31 -19.58
N GLY B 264 25.28 -33.11 -18.56
CA GLY B 264 23.89 -33.34 -18.21
C GLY B 264 23.29 -32.50 -17.10
N ASP B 265 22.35 -33.12 -16.39
CA ASP B 265 21.64 -32.49 -15.29
C ASP B 265 22.54 -32.32 -14.05
N VAL B 266 22.25 -31.30 -13.25
CA VAL B 266 23.08 -30.95 -12.11
C VAL B 266 22.37 -31.27 -10.80
N GLY B 267 23.11 -31.88 -9.87
CA GLY B 267 22.62 -32.22 -8.55
C GLY B 267 23.78 -32.30 -7.55
N THR B 268 23.54 -32.91 -6.40
CA THR B 268 24.63 -33.16 -5.44
C THR B 268 24.85 -34.66 -5.33
N TRP B 269 26.12 -35.02 -5.18
CA TRP B 269 26.55 -36.40 -5.13
C TRP B 269 27.76 -36.52 -4.21
N GLN B 270 27.95 -37.70 -3.63
CA GLN B 270 29.20 -38.06 -2.97
C GLN B 270 30.36 -37.48 -3.78
N CYS B 271 31.24 -36.71 -3.14
CA CYS B 271 32.42 -36.12 -3.81
C CYS B 271 33.32 -37.23 -4.32
N ASP B 272 33.90 -37.04 -5.50
CA ASP B 272 34.73 -38.07 -6.17
C ASP B 272 36.03 -37.56 -6.77
N GLY B 273 36.28 -36.25 -6.66
CA GLY B 273 37.53 -35.66 -7.14
C GLY B 273 37.67 -35.48 -8.64
N LEU B 274 36.60 -35.78 -9.39
CA LEU B 274 36.65 -35.69 -10.85
C LEU B 274 36.38 -34.28 -11.39
N PRO B 275 36.95 -33.96 -12.57
CA PRO B 275 36.78 -32.66 -13.22
C PRO B 275 35.33 -32.17 -13.43
N ASP B 276 34.34 -33.07 -13.49
CA ASP B 276 32.93 -32.67 -13.68
C ASP B 276 32.33 -32.10 -12.38
N GLN B 277 33.13 -32.14 -11.31
CA GLN B 277 32.72 -31.68 -10.00
C GLN B 277 33.46 -30.40 -9.59
N ARG B 278 34.15 -29.77 -10.55
CA ARG B 278 34.86 -28.52 -10.34
C ARG B 278 34.41 -27.45 -11.32
N PHE B 279 34.35 -26.21 -10.87
CA PHE B 279 33.81 -25.08 -11.66
C PHE B 279 34.66 -23.84 -11.45
N LYS B 280 34.80 -23.03 -12.49
CA LYS B 280 35.53 -21.78 -12.42
C LYS B 280 34.58 -20.59 -12.49
N TRP B 281 34.87 -19.54 -11.72
CA TRP B 281 34.14 -18.27 -11.87
C TRP B 281 34.62 -17.54 -13.13
N VAL B 282 33.69 -17.20 -14.01
CA VAL B 282 33.95 -16.48 -15.26
C VAL B 282 33.29 -15.10 -15.18
N PHE B 283 34.09 -14.03 -15.29
CA PHE B 283 33.61 -12.65 -15.16
C PHE B 283 34.62 -11.66 -15.75
N ASP B 284 34.15 -10.49 -16.16
CA ASP B 284 35.04 -9.41 -16.55
C ASP B 284 35.61 -8.66 -15.36
N ASP B 285 36.91 -8.38 -15.40
CA ASP B 285 37.56 -7.56 -14.37
C ASP B 285 37.21 -6.06 -14.50
N TRP B 286 36.75 -5.47 -13.39
CA TRP B 286 36.48 -4.06 -13.27
C TRP B 286 37.29 -3.58 -12.09
N GLU B 287 37.90 -2.40 -12.18
CA GLU B 287 38.72 -1.90 -11.08
C GLU B 287 37.86 -1.70 -9.82
N VAL B 288 38.41 -2.00 -8.65
CA VAL B 288 37.75 -1.66 -7.38
C VAL B 288 37.19 -0.23 -7.46
N PRO B 289 35.85 -0.06 -7.35
CA PRO B 289 35.21 1.27 -7.40
C PRO B 289 35.65 2.22 -6.30
N THR B 290 35.82 3.49 -6.67
CA THR B 290 36.20 4.52 -5.70
C THR B 290 35.04 5.49 -5.49
N ALA B 291 34.80 5.83 -4.23
CA ALA B 291 33.73 6.74 -3.87
C ALA B 291 34.30 8.09 -3.52
N THR B 292 33.72 9.14 -4.11
CA THR B 292 34.08 10.53 -3.78
C THR B 292 32.80 11.35 -3.71
N TRP B 293 32.93 12.57 -3.21
CA TRP B 293 31.82 13.52 -3.12
C TRP B 293 32.10 14.76 -3.98
N ASN B 294 31.09 15.17 -4.75
CA ASN B 294 31.18 16.35 -5.61
C ASN B 294 30.28 17.48 -5.09
N MET B 295 30.82 18.68 -4.95
CA MET B 295 30.06 19.87 -4.51
C MET B 295 28.98 20.22 -5.53
N VAL B 296 27.73 20.22 -5.07
CA VAL B 296 26.58 20.53 -5.93
C VAL B 296 26.18 21.99 -5.76
N GLY B 297 26.48 22.56 -4.59
CA GLY B 297 26.16 23.95 -4.31
C GLY B 297 26.48 24.28 -2.88
N CYS B 298 26.74 25.55 -2.62
CA CYS B 298 26.95 26.03 -1.26
C CYS B 298 26.17 27.31 -1.03
N ASP B 299 25.56 27.40 0.16
CA ASP B 299 24.85 28.59 0.57
C ASP B 299 25.34 28.99 1.94
N GLN B 300 26.09 30.08 1.98
CA GLN B 300 26.69 30.52 3.23
C GLN B 300 25.77 31.37 4.10
N ASN B 301 24.54 31.59 3.66
CA ASN B 301 23.58 32.31 4.50
C ASN B 301 22.16 31.78 4.47
N GLY B 302 22.02 30.46 4.31
CA GLY B 302 20.72 29.79 4.33
C GLY B 302 20.84 28.37 3.83
N LYS B 303 19.69 27.75 3.58
CA LYS B 303 19.68 26.39 3.09
C LYS B 303 20.12 26.35 1.64
N VAL B 304 20.85 25.30 1.27
CA VAL B 304 21.17 25.03 -0.14
C VAL B 304 20.12 24.10 -0.76
N SER B 305 19.73 24.40 -1.98
CA SER B 305 18.75 23.59 -2.73
C SER B 305 19.22 23.46 -4.16
N GLN B 306 19.11 22.26 -4.71
CA GLN B 306 19.57 21.96 -6.06
C GLN B 306 18.71 20.87 -6.70
N GLN B 307 18.76 20.80 -8.03
CA GLN B 307 18.15 19.71 -8.80
C GLN B 307 19.14 18.57 -8.85
N ILE B 308 18.72 17.38 -8.40
CA ILE B 308 19.62 16.24 -8.26
C ILE B 308 19.17 15.10 -9.16
N SER B 309 20.07 14.68 -10.04
CA SER B 309 19.79 13.63 -10.98
C SER B 309 20.63 12.40 -10.66
N ASN B 310 20.07 11.23 -11.00
CA ASN B 310 20.83 10.01 -11.12
C ASN B 310 21.41 9.93 -12.51
N THR B 311 22.73 10.08 -12.64
CA THR B 311 23.37 10.06 -13.95
C THR B 311 24.59 9.14 -14.01
N ILE B 312 24.83 8.60 -15.18
CA ILE B 312 25.98 7.76 -15.46
C ILE B 312 26.78 8.36 -16.63
N SER B 313 28.09 8.53 -16.48
CA SER B 313 28.94 8.69 -17.66
C SER B 313 29.58 7.35 -17.97
N PHE B 314 29.30 6.87 -19.16
CA PHE B 314 29.85 5.64 -19.67
C PHE B 314 29.80 5.73 -21.19
N SER B 315 30.83 5.19 -21.84
CA SER B 315 30.96 5.21 -23.32
C SER B 315 29.87 4.42 -24.02
N SER B 316 29.36 3.40 -23.33
CA SER B 316 28.56 2.38 -23.97
C SER B 316 27.22 2.20 -23.32
N THR B 317 26.42 1.32 -23.91
CA THR B 317 25.12 0.99 -23.37
C THR B 317 25.29 0.32 -22.02
N VAL B 318 24.57 0.83 -21.02
CA VAL B 318 24.48 0.12 -19.73
C VAL B 318 23.46 -1.00 -19.85
N THR B 319 23.89 -2.12 -20.40
CA THR B 319 23.02 -3.28 -20.59
C THR B 319 22.73 -3.97 -19.26
N ALA B 320 21.88 -4.99 -19.28
CA ALA B 320 21.61 -5.79 -18.09
C ALA B 320 22.90 -6.45 -17.62
N GLY B 321 23.69 -6.95 -18.57
CA GLY B 321 24.97 -7.60 -18.26
C GLY B 321 26.00 -6.68 -17.61
N VAL B 322 26.08 -5.44 -18.10
CA VAL B 322 26.97 -4.46 -17.52
C VAL B 322 26.54 -4.09 -16.09
N ALA B 323 25.22 -3.89 -15.91
CA ALA B 323 24.62 -3.57 -14.62
C ALA B 323 24.97 -4.60 -13.54
N VAL B 324 24.77 -5.87 -13.84
CA VAL B 324 25.10 -6.97 -12.92
C VAL B 324 26.61 -7.12 -12.65
N GLU B 325 27.45 -6.84 -13.64
CA GLU B 325 28.89 -6.84 -13.43
C GLU B 325 29.29 -5.73 -12.47
N VAL B 326 28.72 -4.55 -12.70
CA VAL B 326 29.01 -3.40 -11.87
C VAL B 326 28.49 -3.65 -10.46
N SER B 327 27.25 -4.13 -10.34
CA SER B 327 26.66 -4.45 -9.03
C SER B 327 27.56 -5.45 -8.25
N SER B 328 27.96 -6.51 -8.94
CA SER B 328 28.84 -7.53 -8.37
C SER B 328 30.19 -6.96 -7.95
N THR B 329 30.75 -6.09 -8.78
CA THR B 329 32.05 -5.46 -8.51
C THR B 329 31.96 -4.55 -7.31
N ILE B 330 30.94 -3.67 -7.30
CA ILE B 330 30.70 -2.78 -6.15
C ILE B 330 30.58 -3.58 -4.86
N GLU B 331 29.82 -4.66 -4.87
CA GLU B 331 29.62 -5.42 -3.63
C GLU B 331 30.88 -6.08 -3.06
N LYS B 332 31.78 -6.50 -3.96
CA LYS B 332 33.02 -7.16 -3.55
C LYS B 332 33.90 -6.21 -2.74
N GLY B 333 33.88 -4.91 -3.08
CA GLY B 333 34.61 -3.92 -2.29
C GLY B 333 34.66 -2.57 -2.96
N VAL B 334 34.75 -1.52 -2.16
CA VAL B 334 34.78 -0.13 -2.65
C VAL B 334 35.84 0.63 -1.87
N ILE B 335 36.46 1.62 -2.52
CA ILE B 335 37.43 2.45 -1.81
C ILE B 335 36.87 3.83 -1.49
N PHE B 336 37.03 4.28 -0.25
CA PHE B 336 36.73 5.64 0.12
C PHE B 336 37.81 6.18 1.03
N ALA B 337 38.35 7.35 0.68
CA ALA B 337 39.48 7.97 1.40
C ALA B 337 40.60 6.94 1.65
N LYS B 338 40.95 6.22 0.57
CA LYS B 338 42.04 5.22 0.51
C LYS B 338 41.87 4.01 1.45
N ALA B 339 40.65 3.79 1.95
CA ALA B 339 40.40 2.63 2.81
C ALA B 339 39.19 1.89 2.31
N THR B 340 39.12 0.61 2.67
CA THR B 340 37.95 -0.20 2.32
C THR B 340 36.76 0.26 3.18
N VAL B 341 35.55 -0.03 2.73
CA VAL B 341 34.35 0.25 3.53
C VAL B 341 33.77 -1.06 4.05
N SER B 342 32.85 -0.95 4.99
CA SER B 342 32.24 -2.12 5.61
C SER B 342 31.35 -2.88 4.63
N VAL B 343 31.02 -4.10 5.02
CA VAL B 343 30.14 -4.99 4.26
C VAL B 343 28.76 -4.34 4.00
N LYS B 344 28.21 -3.65 4.99
CA LYS B 344 26.90 -3.02 4.78
C LYS B 344 26.97 -1.90 3.75
N VAL B 345 28.08 -1.17 3.72
CA VAL B 345 28.25 -0.10 2.72
C VAL B 345 28.30 -0.67 1.30
N THR B 346 29.07 -1.74 1.07
CA THR B 346 29.12 -2.32 -0.29
C THR B 346 27.83 -3.03 -0.68
N ALA B 347 27.22 -3.72 0.27
CA ALA B 347 25.93 -4.34 0.03
C ALA B 347 24.91 -3.26 -0.33
N SER B 348 24.77 -2.24 0.51
CA SER B 348 23.78 -1.18 0.28
C SER B 348 24.04 -0.44 -1.06
N LEU B 349 25.30 -0.11 -1.32
CA LEU B 349 25.67 0.63 -2.52
C LEU B 349 25.38 -0.21 -3.76
N SER B 350 25.71 -1.51 -3.73
CA SER B 350 25.38 -2.36 -4.88
C SER B 350 23.89 -2.48 -5.15
N LYS B 351 23.10 -2.57 -4.07
CA LYS B 351 21.63 -2.57 -4.15
C LYS B 351 21.07 -1.27 -4.73
N ALA B 352 21.62 -0.13 -4.31
CA ALA B 352 21.22 1.18 -4.83
C ALA B 352 21.52 1.30 -6.33
N TRP B 353 22.68 0.82 -6.75
CA TRP B 353 23.01 0.72 -8.17
C TRP B 353 21.95 -0.08 -8.91
N THR B 354 21.64 -1.28 -8.42
CA THR B 354 20.66 -2.15 -9.08
C THR B 354 19.28 -1.50 -9.19
N ASN B 355 18.83 -0.84 -8.13
CA ASN B 355 17.52 -0.19 -8.14
C ASN B 355 17.43 1.02 -9.04
N SER B 356 18.57 1.68 -9.22
CA SER B 356 18.73 2.85 -10.08
C SER B 356 18.49 2.56 -11.56
N GLN B 357 18.58 1.30 -11.96
CA GLN B 357 18.62 0.89 -13.36
C GLN B 357 17.36 1.22 -14.17
N SER B 358 16.21 1.05 -13.56
CA SER B 358 14.97 1.52 -14.17
C SER B 358 14.45 2.79 -13.52
N GLY B 359 14.51 3.88 -14.27
CA GLY B 359 13.79 5.10 -13.94
C GLY B 359 14.19 5.78 -12.65
N THR B 360 14.58 7.04 -12.76
CA THR B 360 14.85 7.84 -11.58
C THR B 360 14.13 9.17 -11.68
N THR B 361 14.23 9.86 -12.81
CA THR B 361 13.66 11.22 -12.91
C THR B 361 14.22 12.16 -11.80
N ALA B 362 14.67 13.34 -12.21
CA ALA B 362 15.26 14.34 -11.31
C ALA B 362 14.41 14.72 -10.09
N ILE B 363 15.08 15.17 -9.03
CA ILE B 363 14.37 15.71 -7.88
C ILE B 363 14.98 17.06 -7.50
N THR B 364 14.19 17.89 -6.82
CA THR B 364 14.76 19.08 -6.22
C THR B 364 14.85 18.78 -4.74
N TYR B 365 16.07 18.86 -4.22
CA TYR B 365 16.33 18.53 -2.84
C TYR B 365 16.84 19.76 -2.11
N THR B 366 16.36 19.94 -0.87
CA THR B 366 16.83 21.01 -0.01
C THR B 366 17.50 20.45 1.23
N CYS B 367 18.63 21.05 1.60
CA CYS B 367 19.30 20.70 2.85
C CYS B 367 18.57 21.40 4.00
N ASP B 368 17.67 20.65 4.63
CA ASP B 368 16.95 21.12 5.81
C ASP B 368 17.80 20.91 7.06
N ASN B 369 18.47 19.76 7.13
CA ASN B 369 19.38 19.48 8.24
C ASN B 369 20.76 19.05 7.76
N TYR B 370 21.75 19.27 8.60
CA TYR B 370 23.05 18.71 8.38
C TYR B 370 22.92 17.20 8.44
N ASP B 371 23.85 16.48 7.81
CA ASP B 371 23.83 15.02 7.87
C ASP B 371 23.91 14.52 9.30
N SER B 372 24.61 15.26 10.16
CA SER B 372 24.70 14.98 11.60
C SER B 372 23.42 15.29 12.39
N ASP B 373 22.46 15.96 11.76
CA ASP B 373 21.08 16.17 12.25
C ASP B 373 20.69 17.60 12.66
N GLU B 374 21.67 18.44 12.97
CA GLU B 374 21.36 19.83 13.38
C GLU B 374 20.71 20.63 12.26
N GLU B 375 20.04 21.72 12.62
CA GLU B 375 19.41 22.60 11.63
C GLU B 375 20.43 23.14 10.63
N PHE B 376 20.14 23.00 9.34
CA PHE B 376 21.03 23.54 8.30
C PHE B 376 20.83 25.05 8.12
N THR B 377 21.85 25.83 8.51
CA THR B 377 21.76 27.29 8.45
C THR B 377 22.71 27.89 7.41
N ARG B 378 23.63 27.05 6.92
CA ARG B 378 24.60 27.40 5.89
C ARG B 378 25.48 26.18 5.63
N GLY B 379 26.12 26.14 4.47
CA GLY B 379 27.01 25.02 4.14
C GLY B 379 26.93 24.61 2.68
N CYS B 380 27.27 23.35 2.43
CA CYS B 380 27.33 22.79 1.07
C CYS B 380 26.57 21.48 0.91
N MET B 381 26.07 21.27 -0.30
CA MET B 381 25.44 20.03 -0.70
C MET B 381 26.41 19.21 -1.54
N TRP B 382 26.55 17.93 -1.18
CA TRP B 382 27.54 17.07 -1.81
C TRP B 382 26.86 15.85 -2.40
N GLN B 383 27.21 15.53 -3.64
CA GLN B 383 26.65 14.36 -4.31
C GLN B 383 27.70 13.30 -4.55
N LEU B 384 27.33 12.07 -4.22
CA LEU B 384 28.22 10.93 -4.39
C LEU B 384 28.61 10.74 -5.84
N ALA B 385 29.85 10.30 -6.03
CA ALA B 385 30.30 9.73 -7.29
C ALA B 385 30.98 8.39 -7.03
N ILE B 386 30.66 7.39 -7.84
CA ILE B 386 31.30 6.09 -7.80
C ILE B 386 31.96 5.90 -9.16
N GLU B 387 33.25 5.62 -9.15
CA GLU B 387 34.00 5.52 -10.38
C GLU B 387 34.67 4.15 -10.45
N THR B 388 34.54 3.51 -11.60
CA THR B 388 35.23 2.27 -11.89
C THR B 388 35.63 2.23 -13.38
N THR B 389 36.45 1.26 -13.75
CA THR B 389 36.88 1.10 -15.14
C THR B 389 36.75 -0.35 -15.53
N GLU B 390 36.10 -0.62 -16.67
CA GLU B 390 36.15 -1.93 -17.29
C GLU B 390 37.56 -2.20 -17.82
N VAL B 391 38.21 -3.21 -17.24
CA VAL B 391 39.64 -3.45 -17.45
C VAL B 391 39.99 -3.84 -18.88
N LYS B 392 39.21 -4.71 -19.49
CA LYS B 392 39.55 -5.19 -20.82
C LYS B 392 39.47 -4.11 -21.91
N SER B 393 38.66 -3.07 -21.67
CA SER B 393 38.45 -2.03 -22.68
C SER B 393 39.04 -0.68 -22.29
N GLY B 394 39.11 -0.42 -21.00
CA GLY B 394 39.59 0.86 -20.48
C GLY B 394 38.47 1.88 -20.37
N ASP B 395 37.23 1.42 -20.57
CA ASP B 395 36.03 2.25 -20.45
C ASP B 395 35.76 2.66 -19.00
N LEU B 396 35.82 3.96 -18.75
CA LEU B 396 35.58 4.53 -17.43
C LEU B 396 34.08 4.72 -17.23
N LEU B 397 33.57 4.31 -16.07
CA LEU B 397 32.16 4.49 -15.73
C LEU B 397 32.07 5.33 -14.49
N VAL B 398 31.26 6.37 -14.54
CA VAL B 398 31.09 7.25 -13.37
C VAL B 398 29.62 7.30 -13.06
N TRP B 399 29.23 6.80 -11.89
CA TRP B 399 27.83 6.82 -11.47
C TRP B 399 27.63 7.90 -10.43
N ASN B 400 26.62 8.74 -10.67
CA ASN B 400 26.31 9.87 -9.82
C ASN B 400 24.90 9.67 -9.31
N PRO B 401 24.76 8.88 -8.22
CA PRO B 401 23.42 8.57 -7.71
C PRO B 401 22.79 9.74 -6.99
N GLN B 402 21.50 9.61 -6.70
CA GLN B 402 20.81 10.59 -5.88
C GLN B 402 21.09 10.29 -4.41
N ILE B 403 22.37 10.28 -4.08
CA ILE B 403 22.85 10.15 -2.71
C ILE B 403 23.59 11.44 -2.36
N VAL B 404 23.21 12.07 -1.25
CA VAL B 404 23.65 13.41 -0.93
C VAL B 404 24.03 13.54 0.53
N LYS B 405 25.06 14.32 0.81
CA LYS B 405 25.33 14.73 2.18
C LYS B 405 25.21 16.22 2.31
N CYS B 406 24.47 16.66 3.30
CA CYS B 406 24.39 18.09 3.67
C CYS B 406 25.33 18.38 4.84
N THR B 407 26.32 19.23 4.60
CA THR B 407 27.33 19.57 5.63
C THR B 407 27.59 21.09 5.71
N ARG B 408 28.26 21.51 6.79
CA ARG B 408 28.55 22.92 7.09
C ARG B 408 29.82 23.41 6.37
N SER B 409 30.56 22.48 5.75
CA SER B 409 31.92 22.77 5.26
C SER B 409 32.05 22.73 3.74
N ASN B 410 32.99 23.53 3.23
CA ASN B 410 33.40 23.51 1.81
C ASN B 410 34.44 22.43 1.51
N THR B 411 34.83 21.69 2.54
CA THR B 411 35.68 20.53 2.37
C THR B 411 34.79 19.29 2.31
N ALA B 412 35.09 18.43 1.35
CA ALA B 412 34.28 17.24 1.09
C ALA B 412 34.05 16.42 2.36
N PRO B 413 32.86 15.77 2.46
CA PRO B 413 32.58 14.89 3.59
C PRO B 413 33.71 13.88 3.79
N GLY B 414 34.08 13.67 5.03
CA GLY B 414 35.10 12.67 5.34
C GLY B 414 34.49 11.35 5.74
N CYS B 415 33.24 11.11 5.33
CA CYS B 415 32.46 9.89 5.59
C CYS B 415 31.96 9.27 4.31
N ALA B 416 31.99 7.94 4.24
CA ALA B 416 31.56 7.24 3.04
C ALA B 416 30.05 7.23 2.95
N PRO B 417 29.50 6.94 1.76
CA PRO B 417 28.05 6.80 1.68
C PRO B 417 27.62 5.66 2.57
N PHE B 418 26.36 5.68 2.99
CA PHE B 418 25.79 4.69 3.92
C PHE B 418 26.48 4.69 5.29
N THR B 419 27.11 5.81 5.65
CA THR B 419 27.60 6.02 7.01
C THR B 419 27.16 7.43 7.40
N LYS B 420 27.12 7.72 8.70
CA LYS B 420 26.61 9.01 9.15
C LYS B 420 27.70 10.00 9.53
N CYS B 421 27.55 11.27 9.10
CA CYS B 421 28.43 12.34 9.59
C CYS B 421 28.23 12.49 11.10
N ALA B 422 29.32 12.49 11.85
CA ALA B 422 29.23 12.66 13.29
C ALA B 422 29.08 14.12 13.74
N ASN B 423 29.55 15.04 12.91
CA ASN B 423 29.51 16.47 13.25
C ASN B 423 29.09 17.27 12.02
N GLU B 424 28.74 18.54 12.21
CA GLU B 424 28.20 19.36 11.11
C GLU B 424 29.13 19.48 9.90
N ASP B 425 30.43 19.66 10.15
CA ASP B 425 31.42 19.74 9.07
C ASP B 425 31.71 18.38 8.45
N CYS B 426 31.27 17.32 9.13
CA CYS B 426 31.47 15.94 8.67
C CYS B 426 32.94 15.52 8.58
N THR B 427 33.67 15.66 9.67
CA THR B 427 35.10 15.32 9.68
C THR B 427 35.34 13.91 10.21
N PHE B 428 34.31 13.32 10.81
CA PHE B 428 34.35 11.92 11.22
C PHE B 428 32.94 11.33 11.22
N CYS B 429 32.85 10.03 11.49
CA CYS B 429 31.66 9.26 11.13
C CYS B 429 31.19 8.28 12.19
N THR B 430 29.89 7.97 12.15
CA THR B 430 29.30 6.90 12.95
C THR B 430 28.52 5.98 12.01
N ASP B 431 27.95 4.89 12.54
CA ASP B 431 27.16 3.94 11.75
C ASP B 431 27.93 3.45 10.51
N ILE B 432 29.19 3.13 10.71
CA ILE B 432 30.04 2.79 9.56
C ILE B 432 29.83 1.35 9.08
#